data_6RRC
#
_entry.id   6RRC
#
_cell.length_a   117.077
_cell.length_b   151.662
_cell.length_c   126.656
_cell.angle_alpha   90.00
_cell.angle_beta   90.00
_cell.angle_gamma   90.00
#
_symmetry.space_group_name_H-M   'C 2 2 2'
#
loop_
_entity.id
_entity.type
_entity.pdbx_description
1 polymer 'Cohesin subunit SA-1'
2 polymer 'Double-strand-break repair protein rad21 homolog'
3 non-polymer 'SULFATE ION'
4 water water
#
loop_
_entity_poly.entity_id
_entity_poly.type
_entity_poly.pdbx_seq_one_letter_code
_entity_poly.pdbx_strand_id
1 'polypeptide(L)'
;SMGGTLFEVVKLGKSAMQSVVDDWIESYKQDRDIALLDLINFFIQCSGCRGTVRIEMFRNMQNAEIIRKMTEEFDEDSGD
YPLTMPGPQWKKFRSNFCEFIGVLIRQCQYSIIYDEYMMDTVISLLTGLSDSQVRAFRHTSTLAAMKLMTALVNVALNLS
IHQDNTQRQYEAERNKMIGKRANERLELLLQKRKELQENQDEIENMMNSIFKGIFVHRYRDAIAEIRAICIEEIGVWMKM
YSDAFLNDSYLKYVGWTLHDRQGEVRLKCLKALQSLYTNRELFPKLELFTNRFKDRIVSMTLDKEYDVAVEAIRLVTLIL
HGSEEALSNEDCENVYHLV
;
C,A
2 'polypeptide(L)' KRKLIVDSVKELDSKTIRAQLSDYS B,D
#
# COMPACT_ATOMS: atom_id res chain seq x y z
N GLY A 3 -27.30 30.56 -16.57
CA GLY A 3 -27.52 29.45 -15.65
C GLY A 3 -27.19 28.10 -16.24
N GLY A 4 -26.51 27.26 -15.45
CA GLY A 4 -26.14 25.93 -15.89
C GLY A 4 -26.81 24.87 -15.02
N THR A 5 -27.12 23.74 -15.66
CA THR A 5 -27.79 22.65 -14.95
C THR A 5 -26.86 22.06 -13.89
N LEU A 6 -27.47 21.30 -12.97
CA LEU A 6 -26.69 20.72 -11.87
C LEU A 6 -25.64 19.75 -12.39
N PHE A 7 -25.96 18.99 -13.44
CA PHE A 7 -24.99 18.07 -14.03
C PHE A 7 -23.83 18.83 -14.65
N GLU A 8 -24.13 19.86 -15.44
CA GLU A 8 -23.08 20.60 -16.14
C GLU A 8 -22.14 21.35 -15.21
N VAL A 9 -22.58 21.66 -13.99
CA VAL A 9 -21.69 22.34 -13.04
C VAL A 9 -20.68 21.34 -12.47
N VAL A 10 -21.14 20.14 -12.14
CA VAL A 10 -20.24 19.13 -11.58
C VAL A 10 -19.22 18.67 -12.62
N LYS A 11 -19.66 18.53 -13.88
CA LYS A 11 -18.74 18.13 -14.94
C LYS A 11 -17.65 19.17 -15.14
N LEU A 12 -18.03 20.45 -15.17
CA LEU A 12 -17.04 21.52 -15.34
C LEU A 12 -16.07 21.55 -14.17
N GLY A 13 -16.59 21.40 -12.94
CA GLY A 13 -15.74 21.38 -11.77
C GLY A 13 -14.99 22.67 -11.52
N LYS A 14 -15.65 23.82 -11.71
CA LYS A 14 -15.00 25.09 -11.47
C LYS A 14 -15.06 25.47 -9.99
N SER A 15 -16.25 25.49 -9.41
CA SER A 15 -16.44 25.80 -8.01
C SER A 15 -16.36 24.51 -7.17
N ALA A 16 -16.12 24.70 -5.87
CA ALA A 16 -16.08 23.57 -4.95
C ALA A 16 -17.45 22.90 -4.89
N MET A 17 -17.43 21.58 -4.68
CA MET A 17 -18.68 20.82 -4.63
C MET A 17 -19.57 21.29 -3.49
N GLN A 18 -18.97 21.81 -2.41
CA GLN A 18 -19.77 22.34 -1.31
C GLN A 18 -20.56 23.57 -1.75
N SER A 19 -19.95 24.40 -2.62
CA SER A 19 -20.67 25.56 -3.13
C SER A 19 -21.90 25.12 -3.92
N VAL A 20 -21.77 24.10 -4.75
CA VAL A 20 -22.91 23.58 -5.49
C VAL A 20 -23.94 22.98 -4.54
N VAL A 21 -23.47 22.26 -3.51
CA VAL A 21 -24.38 21.64 -2.54
C VAL A 21 -25.13 22.71 -1.78
N ASP A 22 -24.43 23.70 -1.25
CA ASP A 22 -25.08 24.76 -0.47
C ASP A 22 -26.05 25.54 -1.34
N ASP A 23 -25.68 25.79 -2.61
CA ASP A 23 -26.58 26.50 -3.51
C ASP A 23 -27.84 25.69 -3.79
N TRP A 24 -27.73 24.36 -3.80
CA TRP A 24 -28.92 23.54 -4.00
C TRP A 24 -29.78 23.53 -2.74
N ILE A 25 -29.15 23.47 -1.57
CA ILE A 25 -29.91 23.42 -0.31
C ILE A 25 -30.73 24.70 -0.14
N GLU A 26 -30.17 25.83 -0.57
CA GLU A 26 -30.92 27.09 -0.47
C GLU A 26 -32.18 27.04 -1.32
N SER A 27 -32.09 26.45 -2.51
CA SER A 27 -33.27 26.33 -3.37
C SER A 27 -34.23 25.29 -2.81
N TYR A 28 -33.73 24.31 -2.05
CA TYR A 28 -34.62 23.34 -1.42
C TYR A 28 -35.44 24.00 -0.31
N LYS A 29 -34.83 24.93 0.43
CA LYS A 29 -35.58 25.67 1.44
C LYS A 29 -36.51 26.72 0.82
N GLN A 30 -36.28 27.10 -0.43
CA GLN A 30 -37.19 28.03 -1.09
C GLN A 30 -38.37 27.29 -1.72
N ASP A 31 -38.11 26.14 -2.33
CA ASP A 31 -39.16 25.34 -2.97
C ASP A 31 -38.65 23.92 -3.08
N ARG A 32 -39.19 23.02 -2.25
CA ARG A 32 -38.68 21.66 -2.18
C ARG A 32 -38.83 20.94 -3.51
N ASP A 33 -39.94 21.17 -4.21
CA ASP A 33 -40.20 20.42 -5.44
C ASP A 33 -39.27 20.83 -6.56
N ILE A 34 -38.95 22.12 -6.67
CA ILE A 34 -38.07 22.59 -7.73
C ILE A 34 -36.66 22.04 -7.54
N ALA A 35 -36.17 22.04 -6.31
CA ALA A 35 -34.82 21.54 -6.05
C ALA A 35 -34.74 20.02 -6.25
N LEU A 36 -35.75 19.28 -5.80
CA LEU A 36 -35.75 17.84 -6.00
C LEU A 36 -35.84 17.49 -7.48
N LEU A 37 -36.58 18.28 -8.26
CA LEU A 37 -36.61 18.05 -9.70
C LEU A 37 -35.24 18.28 -10.33
N ASP A 38 -34.48 19.25 -9.81
CA ASP A 38 -33.11 19.46 -10.28
C ASP A 38 -32.21 18.30 -9.87
N LEU A 39 -32.39 17.79 -8.65
CA LEU A 39 -31.58 16.67 -8.19
C LEU A 39 -31.95 15.38 -8.92
N ILE A 40 -33.24 15.21 -9.23
CA ILE A 40 -33.67 14.06 -10.02
C ILE A 40 -33.01 14.11 -11.40
N ASN A 41 -33.09 15.26 -12.06
CA ASN A 41 -32.45 15.42 -13.36
C ASN A 41 -30.93 15.34 -13.27
N PHE A 42 -30.35 15.63 -12.11
CA PHE A 42 -28.91 15.52 -11.96
C PHE A 42 -28.46 14.07 -12.14
N PHE A 43 -29.13 13.13 -11.48
CA PHE A 43 -28.77 11.73 -11.63
C PHE A 43 -29.13 11.20 -13.01
N ILE A 44 -30.21 11.70 -13.61
CA ILE A 44 -30.58 11.28 -14.96
C ILE A 44 -29.52 11.72 -15.96
N GLN A 45 -29.07 12.97 -15.86
CA GLN A 45 -28.13 13.50 -16.83
C GLN A 45 -26.69 13.07 -16.56
N CYS A 46 -26.38 12.73 -15.31
CA CYS A 46 -25.08 12.13 -15.01
C CYS A 46 -24.91 10.77 -15.68
N SER A 47 -26.01 10.10 -16.01
CA SER A 47 -25.96 8.83 -16.71
C SER A 47 -25.81 8.99 -18.22
N GLY A 48 -25.71 10.22 -18.72
CA GLY A 48 -25.62 10.47 -20.14
C GLY A 48 -26.95 10.77 -20.81
N CYS A 49 -28.07 10.60 -20.10
CA CYS A 49 -29.36 10.94 -20.66
C CYS A 49 -29.49 12.44 -20.85
N ARG A 50 -30.02 12.85 -21.99
CA ARG A 50 -30.16 14.26 -22.33
C ARG A 50 -31.59 14.76 -22.24
N GLY A 51 -32.53 13.90 -21.87
CA GLY A 51 -33.89 14.34 -21.61
C GLY A 51 -34.01 15.08 -20.30
N THR A 52 -35.21 15.56 -20.02
CA THR A 52 -35.46 16.32 -18.81
C THR A 52 -36.81 15.93 -18.23
N VAL A 53 -36.82 15.54 -16.95
CA VAL A 53 -38.05 15.21 -16.27
C VAL A 53 -38.84 16.50 -16.04
N ARG A 54 -40.04 16.57 -16.60
CA ARG A 54 -40.89 17.73 -16.42
C ARG A 54 -41.49 17.73 -15.02
N ILE A 55 -41.82 18.93 -14.53
CA ILE A 55 -42.43 19.05 -13.21
C ILE A 55 -43.77 18.32 -13.17
N GLU A 56 -44.45 18.23 -14.31
CA GLU A 56 -45.73 17.51 -14.35
C GLU A 56 -45.52 16.01 -14.20
N MET A 57 -44.42 15.48 -14.74
CA MET A 57 -44.12 14.07 -14.58
C MET A 57 -43.75 13.73 -13.13
N PHE A 58 -42.96 14.60 -12.49
CA PHE A 58 -42.53 14.35 -11.12
C PHE A 58 -43.70 14.33 -10.14
N ARG A 59 -44.79 15.01 -10.47
CA ARG A 59 -45.94 15.09 -9.59
C ARG A 59 -47.01 14.04 -9.89
N ASN A 60 -46.96 13.39 -11.05
CA ASN A 60 -48.02 12.48 -11.45
C ASN A 60 -47.53 11.09 -11.88
N MET A 61 -46.23 10.87 -12.01
CA MET A 61 -45.71 9.58 -12.45
C MET A 61 -44.89 8.93 -11.35
N GLN A 62 -44.82 7.61 -11.39
CA GLN A 62 -43.89 6.87 -10.55
C GLN A 62 -42.52 6.81 -11.22
N ASN A 63 -41.52 6.39 -10.45
CA ASN A 63 -40.17 6.26 -10.99
C ASN A 63 -40.12 5.27 -12.14
N ALA A 64 -41.04 4.31 -12.16
CA ALA A 64 -41.07 3.32 -13.23
C ALA A 64 -41.33 3.98 -14.58
N GLU A 65 -42.44 4.72 -14.69
CA GLU A 65 -42.79 5.35 -15.96
C GLU A 65 -41.82 6.47 -16.32
N ILE A 66 -41.32 7.20 -15.33
CA ILE A 66 -40.41 8.31 -15.60
C ILE A 66 -39.15 7.81 -16.29
N ILE A 67 -38.59 6.70 -15.80
CA ILE A 67 -37.37 6.16 -16.40
C ILE A 67 -37.65 5.61 -17.79
N ARG A 68 -38.82 5.01 -18.00
CA ARG A 68 -39.20 4.54 -19.33
C ARG A 68 -39.27 5.70 -20.31
N LYS A 69 -39.72 6.88 -19.84
CA LYS A 69 -39.79 8.05 -20.72
C LYS A 69 -38.40 8.60 -21.01
N MET A 70 -37.49 8.54 -20.03
CA MET A 70 -36.16 9.10 -20.21
C MET A 70 -35.28 8.24 -21.11
N THR A 71 -35.55 6.94 -21.21
CA THR A 71 -34.84 6.13 -22.19
C THR A 71 -35.26 6.49 -23.61
N GLU A 72 -36.52 6.92 -23.79
CA GLU A 72 -36.94 7.44 -25.08
C GLU A 72 -36.19 8.71 -25.44
N GLU A 73 -36.01 9.60 -24.47
CA GLU A 73 -35.39 10.90 -24.68
C GLU A 73 -33.89 10.88 -24.38
N PHE A 74 -33.25 9.71 -24.42
CA PHE A 74 -31.83 9.64 -24.10
C PHE A 74 -30.99 10.42 -25.10
N ASP A 75 -31.32 10.31 -26.39
CA ASP A 75 -30.70 11.11 -27.45
C ASP A 75 -29.17 10.92 -27.48
N GLU A 76 -28.75 9.68 -27.54
CA GLU A 76 -27.34 9.34 -27.57
C GLU A 76 -26.89 9.06 -29.01
N ASP A 77 -25.57 9.09 -29.21
CA ASP A 77 -24.98 8.80 -30.50
C ASP A 77 -24.06 7.58 -30.47
N SER A 78 -23.89 6.95 -29.31
CA SER A 78 -23.09 5.74 -29.17
C SER A 78 -23.43 5.10 -27.83
N GLY A 79 -22.72 4.02 -27.51
CA GLY A 79 -22.94 3.35 -26.23
C GLY A 79 -22.31 4.02 -25.03
N ASP A 80 -21.54 5.09 -25.25
CA ASP A 80 -20.80 5.71 -24.16
C ASP A 80 -21.74 6.45 -23.21
N TYR A 81 -21.36 6.47 -21.95
CA TYR A 81 -21.98 7.29 -20.92
C TYR A 81 -20.88 7.78 -19.99
N PRO A 82 -21.10 8.87 -19.25
CA PRO A 82 -19.99 9.55 -18.56
C PRO A 82 -19.10 8.64 -17.71
N LEU A 83 -19.66 7.64 -17.04
CA LEU A 83 -18.86 6.80 -16.15
C LEU A 83 -18.00 5.77 -16.89
N THR A 84 -18.08 5.72 -18.22
CA THR A 84 -17.19 4.88 -19.01
C THR A 84 -16.37 5.69 -20.00
N MET A 85 -16.41 7.02 -19.91
CA MET A 85 -15.66 7.87 -20.81
C MET A 85 -14.18 7.88 -20.40
N PRO A 86 -13.27 7.79 -21.36
CA PRO A 86 -11.84 7.83 -21.04
C PRO A 86 -11.36 9.26 -20.81
N GLY A 87 -10.16 9.36 -20.23
CA GLY A 87 -9.53 10.64 -20.03
C GLY A 87 -9.61 11.12 -18.59
N PRO A 88 -8.65 11.94 -18.17
CA PRO A 88 -8.68 12.48 -16.80
C PRO A 88 -9.81 13.48 -16.57
N GLN A 89 -10.41 14.04 -17.62
CA GLN A 89 -11.50 14.98 -17.44
C GLN A 89 -12.71 14.32 -16.80
N TRP A 90 -13.20 13.23 -17.42
CA TRP A 90 -14.29 12.48 -16.84
C TRP A 90 -13.87 11.72 -15.58
N LYS A 91 -12.57 11.50 -15.40
CA LYS A 91 -12.09 10.94 -14.14
C LYS A 91 -12.29 11.92 -12.99
N LYS A 92 -12.03 13.21 -13.23
CA LYS A 92 -12.35 14.22 -12.23
C LYS A 92 -13.85 14.40 -12.08
N PHE A 93 -14.61 14.12 -13.15
CA PHE A 93 -16.07 14.13 -13.04
C PHE A 93 -16.54 13.07 -12.06
N ARG A 94 -16.03 11.84 -12.20
CA ARG A 94 -16.38 10.76 -11.28
C ARG A 94 -16.03 11.14 -9.85
N SER A 95 -14.88 11.78 -9.65
CA SER A 95 -14.52 12.24 -8.31
C SER A 95 -15.46 13.33 -7.83
N ASN A 96 -15.74 14.31 -8.69
CA ASN A 96 -16.67 15.38 -8.32
C ASN A 96 -18.08 14.84 -8.13
N PHE A 97 -18.48 13.87 -8.96
CA PHE A 97 -19.79 13.26 -8.82
C PHE A 97 -19.93 12.58 -7.46
N CYS A 98 -18.88 11.89 -7.01
CA CYS A 98 -18.93 11.21 -5.72
C CYS A 98 -18.83 12.20 -4.58
N GLU A 99 -17.99 13.23 -4.72
CA GLU A 99 -17.87 14.25 -3.67
C GLU A 99 -19.18 14.99 -3.48
N PHE A 100 -19.89 15.27 -4.58
CA PHE A 100 -21.17 15.96 -4.47
C PHE A 100 -22.16 15.14 -3.64
N ILE A 101 -22.20 13.83 -3.83
CA ILE A 101 -23.13 12.99 -3.08
C ILE A 101 -22.78 12.99 -1.60
N GLY A 102 -21.49 12.88 -1.29
CA GLY A 102 -21.09 12.86 0.12
C GLY A 102 -21.31 14.19 0.82
N VAL A 103 -20.89 15.28 0.18
CA VAL A 103 -21.07 16.60 0.78
C VAL A 103 -22.56 16.93 0.92
N LEU A 104 -23.38 16.49 -0.03
CA LEU A 104 -24.82 16.76 0.03
C LEU A 104 -25.42 16.24 1.33
N ILE A 105 -25.16 14.97 1.65
CA ILE A 105 -25.70 14.37 2.86
C ILE A 105 -25.02 14.95 4.09
N ARG A 106 -23.72 15.25 3.99
CA ARG A 106 -23.01 15.86 5.10
C ARG A 106 -23.63 17.19 5.49
N GLN A 107 -24.01 18.01 4.50
CA GLN A 107 -24.61 19.31 4.79
C GLN A 107 -26.06 19.19 5.23
N CYS A 108 -26.74 18.11 4.84
CA CYS A 108 -28.15 17.92 5.17
C CYS A 108 -28.38 17.07 6.41
N GLN A 109 -27.32 16.62 7.07
CA GLN A 109 -27.41 15.56 8.09
C GLN A 109 -28.03 16.02 9.40
N TYR A 110 -28.35 17.30 9.57
CA TYR A 110 -28.81 17.80 10.86
C TYR A 110 -30.24 18.34 10.83
N SER A 111 -30.98 18.18 9.73
CA SER A 111 -32.37 18.59 9.68
C SER A 111 -33.07 18.07 8.42
N ILE A 112 -32.56 18.48 7.25
CA ILE A 112 -33.23 18.19 5.98
C ILE A 112 -33.29 16.69 5.71
N ILE A 113 -32.25 15.95 6.11
CA ILE A 113 -32.23 14.50 5.87
C ILE A 113 -33.37 13.78 6.58
N TYR A 114 -33.99 14.43 7.57
CA TYR A 114 -35.04 13.82 8.37
C TYR A 114 -36.44 14.34 8.04
N ASP A 115 -36.62 15.03 6.92
CA ASP A 115 -37.89 15.67 6.62
C ASP A 115 -38.84 14.77 5.84
N GLU A 116 -38.51 13.48 5.69
CA GLU A 116 -39.37 12.49 5.04
C GLU A 116 -39.72 12.87 3.61
N TYR A 117 -38.89 13.65 2.92
CA TYR A 117 -39.19 14.03 1.56
C TYR A 117 -37.97 13.87 0.65
N MET A 118 -36.85 14.51 1.01
CA MET A 118 -35.66 14.46 0.16
C MET A 118 -35.13 13.04 0.03
N MET A 119 -34.85 12.38 1.15
CA MET A 119 -34.23 11.06 1.09
C MET A 119 -35.16 10.03 0.45
N ASP A 120 -36.46 10.08 0.78
CA ASP A 120 -37.41 9.18 0.14
C ASP A 120 -37.43 9.37 -1.37
N THR A 121 -37.34 10.62 -1.83
CA THR A 121 -37.33 10.90 -3.26
C THR A 121 -36.04 10.42 -3.91
N VAL A 122 -34.90 10.62 -3.24
CA VAL A 122 -33.62 10.24 -3.83
C VAL A 122 -33.47 8.73 -3.86
N ILE A 123 -33.80 8.05 -2.77
CA ILE A 123 -33.61 6.61 -2.71
C ILE A 123 -34.56 5.89 -3.65
N SER A 124 -35.79 6.38 -3.78
CA SER A 124 -36.74 5.76 -4.72
C SER A 124 -36.25 5.89 -6.15
N LEU A 125 -35.65 7.04 -6.49
CA LEU A 125 -35.13 7.24 -7.84
C LEU A 125 -33.95 6.32 -8.11
N LEU A 126 -32.97 6.30 -7.19
CA LEU A 126 -31.79 5.47 -7.39
C LEU A 126 -32.16 3.99 -7.45
N THR A 127 -33.15 3.57 -6.66
CA THR A 127 -33.59 2.18 -6.69
C THR A 127 -34.21 1.84 -8.03
N GLY A 128 -35.06 2.73 -8.56
CA GLY A 128 -35.66 2.48 -9.86
C GLY A 128 -34.62 2.49 -10.98
N LEU A 129 -33.65 3.39 -10.89
CA LEU A 129 -32.59 3.42 -11.90
C LEU A 129 -31.68 2.19 -11.81
N SER A 130 -31.48 1.67 -10.59
CA SER A 130 -30.68 0.47 -10.41
C SER A 130 -31.39 -0.79 -10.91
N ASP A 131 -32.68 -0.69 -11.24
CA ASP A 131 -33.45 -1.80 -11.77
C ASP A 131 -33.64 -1.71 -13.28
N SER A 132 -33.13 -0.66 -13.91
CA SER A 132 -33.32 -0.47 -15.35
C SER A 132 -32.30 -1.29 -16.12
N GLN A 133 -32.74 -1.85 -17.26
CA GLN A 133 -31.84 -2.59 -18.13
C GLN A 133 -30.82 -1.69 -18.80
N VAL A 134 -31.06 -0.39 -18.84
CA VAL A 134 -30.11 0.56 -19.41
C VAL A 134 -28.87 0.59 -18.51
N ARG A 135 -27.75 0.13 -19.04
CA ARG A 135 -26.52 0.05 -18.24
C ARG A 135 -26.11 1.42 -17.73
N ALA A 136 -26.35 2.47 -18.52
CA ALA A 136 -25.98 3.82 -18.09
C ALA A 136 -26.73 4.21 -16.82
N PHE A 137 -28.04 3.95 -16.79
CA PHE A 137 -28.83 4.25 -15.59
C PHE A 137 -28.45 3.33 -14.44
N ARG A 138 -28.28 2.04 -14.71
CA ARG A 138 -28.00 1.08 -13.65
C ARG A 138 -26.61 1.26 -13.07
N HIS A 139 -25.63 1.61 -13.92
CA HIS A 139 -24.28 1.85 -13.45
C HIS A 139 -24.19 3.13 -12.64
N THR A 140 -24.77 4.22 -13.16
CA THR A 140 -24.63 5.52 -12.50
C THR A 140 -25.33 5.55 -11.16
N SER A 141 -26.52 4.96 -11.07
CA SER A 141 -27.27 4.99 -9.82
C SER A 141 -26.67 4.06 -8.77
N THR A 142 -26.10 2.94 -9.20
CA THR A 142 -25.45 2.04 -8.25
C THR A 142 -24.26 2.72 -7.58
N LEU A 143 -23.43 3.42 -8.36
CA LEU A 143 -22.34 4.18 -7.78
C LEU A 143 -22.86 5.27 -6.85
N ALA A 144 -23.94 5.94 -7.26
CA ALA A 144 -24.52 6.98 -6.42
C ALA A 144 -25.10 6.41 -5.14
N ALA A 145 -25.68 5.21 -5.20
CA ALA A 145 -26.23 4.60 -4.00
C ALA A 145 -25.14 4.12 -3.05
N MET A 146 -24.00 3.69 -3.59
CA MET A 146 -22.90 3.25 -2.75
C MET A 146 -22.29 4.42 -1.99
N LYS A 147 -22.06 5.53 -2.67
CA LYS A 147 -21.54 6.72 -2.01
C LYS A 147 -22.58 7.32 -1.07
N LEU A 148 -23.86 7.18 -1.41
CA LEU A 148 -24.92 7.65 -0.50
C LEU A 148 -24.93 6.84 0.78
N MET A 149 -24.71 5.52 0.67
CA MET A 149 -24.69 4.67 1.86
C MET A 149 -23.52 5.02 2.77
N THR A 150 -22.33 5.22 2.19
CA THR A 150 -21.17 5.61 2.99
C THR A 150 -21.43 6.92 3.72
N ALA A 151 -22.06 7.89 3.05
CA ALA A 151 -22.40 9.15 3.69
C ALA A 151 -23.39 8.93 4.82
N LEU A 152 -24.35 8.02 4.63
CA LEU A 152 -25.30 7.71 5.70
C LEU A 152 -24.64 6.99 6.85
N VAL A 153 -23.61 6.17 6.58
CA VAL A 153 -22.86 5.54 7.65
C VAL A 153 -22.15 6.59 8.50
N ASN A 154 -21.61 7.62 7.85
CA ASN A 154 -20.99 8.71 8.60
C ASN A 154 -22.01 9.48 9.43
N VAL A 155 -23.25 9.59 8.95
CA VAL A 155 -24.30 10.21 9.75
C VAL A 155 -24.62 9.35 10.96
N ALA A 156 -24.61 8.02 10.79
CA ALA A 156 -24.88 7.14 11.92
C ALA A 156 -23.76 7.18 12.95
N LEU A 157 -22.52 7.35 12.51
CA LEU A 157 -21.41 7.45 13.46
C LEU A 157 -21.49 8.75 14.26
N ASN A 158 -21.91 9.84 13.62
CA ASN A 158 -22.09 11.09 14.34
C ASN A 158 -23.22 11.00 15.35
N LEU A 159 -24.30 10.28 15.00
CA LEU A 159 -25.41 10.13 15.92
C LEU A 159 -24.99 9.39 17.18
N SER A 160 -24.24 8.29 17.02
CA SER A 160 -23.79 7.53 18.18
C SER A 160 -22.91 8.38 19.09
N ILE A 161 -21.99 9.16 18.51
CA ILE A 161 -21.19 10.08 19.28
C ILE A 161 -22.08 11.07 20.02
N HIS A 162 -23.11 11.58 19.33
CA HIS A 162 -24.01 12.54 19.96
C HIS A 162 -24.89 11.87 21.01
N GLN A 163 -25.30 10.63 20.77
CA GLN A 163 -26.10 9.90 21.74
C GLN A 163 -25.35 9.73 23.06
N ASP A 164 -24.06 9.39 22.99
CA ASP A 164 -23.30 9.15 24.21
C ASP A 164 -23.08 10.44 24.99
N ASN A 165 -22.86 11.56 24.29
CA ASN A 165 -22.63 12.82 24.99
C ASN A 165 -23.92 13.35 25.59
N THR A 166 -25.05 13.20 24.88
CA THR A 166 -26.33 13.56 25.46
C THR A 166 -26.63 12.72 26.69
N GLN A 167 -26.22 11.44 26.66
CA GLN A 167 -26.37 10.59 27.85
C GLN A 167 -25.47 11.07 28.97
N ARG A 168 -24.24 11.49 28.65
CA ARG A 168 -23.35 12.03 29.67
C ARG A 168 -23.92 13.31 30.27
N GLN A 169 -24.48 14.19 29.43
CA GLN A 169 -25.09 15.40 29.91
C GLN A 169 -26.29 15.11 30.81
N TYR A 170 -27.07 14.08 30.46
CA TYR A 170 -28.22 13.72 31.27
C TYR A 170 -27.80 13.25 32.66
N GLU A 171 -26.72 12.47 32.73
CA GLU A 171 -26.26 11.98 34.02
C GLU A 171 -25.64 13.11 34.85
N ALA A 172 -24.96 14.05 34.19
CA ALA A 172 -24.42 15.20 34.89
C ALA A 172 -25.53 16.03 35.52
N GLU A 173 -26.64 16.20 34.80
CA GLU A 173 -27.76 16.95 35.34
C GLU A 173 -28.48 16.15 36.42
N ARG A 174 -28.58 14.83 36.24
CA ARG A 174 -29.29 14.01 37.21
C ARG A 174 -28.54 13.93 38.54
N ASN A 175 -27.22 14.07 38.51
CA ASN A 175 -26.42 14.02 39.74
C ASN A 175 -26.55 15.28 40.58
N LYS A 176 -27.41 16.21 40.23
CA LYS A 176 -27.61 17.43 41.03
C LYS A 176 -28.91 17.34 41.83
N ALA A 182 -37.10 15.80 39.25
CA ALA A 182 -36.63 16.29 37.95
C ALA A 182 -36.90 17.78 37.81
N ASN A 183 -36.26 18.40 36.83
CA ASN A 183 -36.42 19.84 36.58
C ASN A 183 -36.51 20.05 35.08
N GLU A 184 -36.30 21.30 34.65
CA GLU A 184 -36.44 21.65 33.24
C GLU A 184 -35.37 20.97 32.39
N ARG A 185 -34.10 21.15 32.77
CA ARG A 185 -33.01 20.60 31.96
C ARG A 185 -33.07 19.08 31.87
N LEU A 186 -33.56 18.41 32.92
CA LEU A 186 -33.66 16.96 32.88
C LEU A 186 -34.69 16.50 31.85
N GLU A 187 -35.81 17.22 31.75
CA GLU A 187 -36.79 16.90 30.72
C GLU A 187 -36.23 17.17 29.33
N LEU A 188 -35.48 18.26 29.17
CA LEU A 188 -34.93 18.62 27.88
C LEU A 188 -33.92 17.59 27.39
N LEU A 189 -33.08 17.08 28.30
CA LEU A 189 -32.08 16.10 27.90
C LEU A 189 -32.70 14.75 27.55
N LEU A 190 -33.80 14.38 28.23
CA LEU A 190 -34.48 13.14 27.90
C LEU A 190 -35.09 13.19 26.50
N GLN A 191 -35.78 14.29 26.19
CA GLN A 191 -36.39 14.43 24.88
C GLN A 191 -35.34 14.45 23.77
N LYS A 192 -34.17 15.02 24.06
CA LYS A 192 -33.09 15.01 23.06
C LYS A 192 -32.54 13.61 22.85
N ARG A 193 -32.48 12.80 23.91
CA ARG A 193 -32.09 11.40 23.76
C ARG A 193 -33.10 10.64 22.91
N LYS A 194 -34.39 10.82 23.22
CA LYS A 194 -35.44 10.21 22.43
C LYS A 194 -35.38 10.65 20.97
N GLU A 195 -35.06 11.93 20.74
CA GLU A 195 -34.95 12.45 19.39
C GLU A 195 -33.80 11.81 18.63
N LEU A 196 -32.62 11.73 19.26
CA LEU A 196 -31.47 11.14 18.60
C LEU A 196 -31.66 9.65 18.34
N GLN A 197 -32.44 8.97 19.18
CA GLN A 197 -32.72 7.56 18.92
C GLN A 197 -33.63 7.39 17.71
N GLU A 198 -34.63 8.28 17.57
CA GLU A 198 -35.49 8.23 16.38
C GLU A 198 -34.71 8.58 15.13
N ASN A 199 -33.71 9.46 15.23
CA ASN A 199 -32.86 9.75 14.10
C ASN A 199 -32.09 8.51 13.66
N GLN A 200 -31.57 7.74 14.62
CA GLN A 200 -30.83 6.53 14.29
C GLN A 200 -31.71 5.52 13.57
N ASP A 201 -32.96 5.40 14.00
CA ASP A 201 -33.86 4.44 13.36
C ASP A 201 -34.22 4.86 11.94
N GLU A 202 -34.24 6.17 11.67
CA GLU A 202 -34.50 6.63 10.31
C GLU A 202 -33.30 6.38 9.41
N ILE A 203 -32.09 6.69 9.90
CA ILE A 203 -30.89 6.52 9.10
C ILE A 203 -30.67 5.05 8.78
N GLU A 204 -30.90 4.17 9.76
CA GLU A 204 -30.74 2.74 9.51
C GLU A 204 -31.84 2.22 8.59
N ASN A 205 -33.03 2.82 8.64
CA ASN A 205 -34.09 2.46 7.70
C ASN A 205 -33.69 2.83 6.27
N MET A 206 -33.02 3.97 6.11
CA MET A 206 -32.53 4.36 4.78
C MET A 206 -31.42 3.44 4.31
N MET A 207 -30.43 3.18 5.18
CA MET A 207 -29.35 2.27 4.83
C MET A 207 -29.90 0.88 4.50
N ASN A 208 -30.93 0.44 5.22
CA ASN A 208 -31.54 -0.84 4.91
C ASN A 208 -32.22 -0.83 3.55
N SER A 209 -32.86 0.29 3.20
CA SER A 209 -33.50 0.40 1.90
C SER A 209 -32.49 0.33 0.76
N ILE A 210 -31.31 0.94 0.96
CA ILE A 210 -30.30 0.92 -0.09
C ILE A 210 -29.68 -0.47 -0.21
N PHE A 211 -29.44 -1.13 0.91
CA PHE A 211 -28.78 -2.43 0.88
C PHE A 211 -29.69 -3.50 0.31
N LYS A 212 -30.89 -3.66 0.88
CA LYS A 212 -31.82 -4.68 0.41
C LYS A 212 -32.43 -4.33 -0.94
N GLY A 213 -32.47 -3.04 -1.30
CA GLY A 213 -33.11 -2.64 -2.53
C GLY A 213 -32.17 -2.50 -3.71
N ILE A 214 -30.87 -2.33 -3.45
CA ILE A 214 -29.93 -2.07 -4.54
C ILE A 214 -28.72 -3.01 -4.46
N PHE A 215 -28.08 -3.08 -3.28
CA PHE A 215 -26.81 -3.80 -3.19
C PHE A 215 -26.98 -5.28 -3.48
N VAL A 216 -27.90 -5.95 -2.79
CA VAL A 216 -28.04 -7.40 -2.90
C VAL A 216 -28.38 -7.85 -4.31
N HIS A 217 -28.79 -6.92 -5.18
CA HIS A 217 -29.02 -7.23 -6.59
C HIS A 217 -27.85 -6.81 -7.47
N ARG A 218 -27.23 -5.66 -7.19
CA ARG A 218 -26.17 -5.13 -8.03
C ARG A 218 -24.80 -5.73 -7.73
N TYR A 219 -24.62 -6.36 -6.57
CA TYR A 219 -23.36 -7.02 -6.29
C TYR A 219 -23.16 -8.24 -7.19
N ARG A 220 -24.25 -8.81 -7.68
CA ARG A 220 -24.22 -9.89 -8.66
C ARG A 220 -24.69 -9.41 -10.03
N ASP A 221 -24.43 -8.15 -10.35
CA ASP A 221 -24.81 -7.60 -11.63
C ASP A 221 -24.04 -8.29 -12.76
N ALA A 222 -24.59 -8.22 -13.97
CA ALA A 222 -23.96 -8.86 -15.12
C ALA A 222 -22.69 -8.14 -15.55
N ILE A 223 -22.52 -6.87 -15.17
CA ILE A 223 -21.40 -6.06 -15.61
C ILE A 223 -20.34 -6.06 -14.52
N ALA A 224 -19.08 -6.20 -14.93
CA ALA A 224 -17.99 -6.40 -13.97
C ALA A 224 -17.80 -5.18 -13.07
N GLU A 225 -17.78 -3.99 -13.65
CA GLU A 225 -17.52 -2.79 -12.86
C GLU A 225 -18.66 -2.48 -11.89
N ILE A 226 -19.88 -2.90 -12.19
CA ILE A 226 -20.98 -2.70 -11.25
C ILE A 226 -20.79 -3.58 -10.03
N ARG A 227 -20.34 -4.82 -10.24
CA ARG A 227 -19.99 -5.68 -9.10
C ARG A 227 -18.80 -5.11 -8.34
N ALA A 228 -17.81 -4.58 -9.06
CA ALA A 228 -16.64 -4.02 -8.41
C ALA A 228 -16.99 -2.78 -7.58
N ILE A 229 -17.96 -1.99 -8.06
CA ILE A 229 -18.39 -0.81 -7.31
C ILE A 229 -19.03 -1.23 -5.99
N CYS A 230 -19.87 -2.27 -6.02
CA CYS A 230 -20.55 -2.72 -4.81
C CYS A 230 -19.56 -3.33 -3.82
N ILE A 231 -18.66 -4.18 -4.31
CA ILE A 231 -17.71 -4.86 -3.43
C ILE A 231 -16.78 -3.85 -2.77
N GLU A 232 -16.35 -2.84 -3.52
CA GLU A 232 -15.42 -1.86 -2.96
C GLU A 232 -16.07 -1.07 -1.83
N GLU A 233 -17.36 -0.75 -1.98
CA GLU A 233 -18.01 0.10 -0.99
C GLU A 233 -18.43 -0.67 0.25
N ILE A 234 -18.78 -1.95 0.11
CA ILE A 234 -19.12 -2.73 1.31
C ILE A 234 -17.89 -2.96 2.17
N GLY A 235 -16.71 -3.03 1.55
CA GLY A 235 -15.48 -3.05 2.32
C GLY A 235 -15.24 -1.75 3.05
N VAL A 236 -15.67 -0.63 2.47
CA VAL A 236 -15.55 0.65 3.15
C VAL A 236 -16.43 0.68 4.40
N TRP A 237 -17.67 0.18 4.29
CA TRP A 237 -18.58 0.21 5.42
C TRP A 237 -18.07 -0.66 6.56
N MET A 238 -17.57 -1.86 6.24
CA MET A 238 -17.08 -2.76 7.27
C MET A 238 -15.83 -2.21 7.94
N LYS A 239 -15.03 -1.42 7.22
CA LYS A 239 -13.84 -0.82 7.83
C LYS A 239 -14.20 0.38 8.70
N MET A 240 -15.15 1.20 8.24
CA MET A 240 -15.46 2.45 8.94
C MET A 240 -16.45 2.25 10.09
N TYR A 241 -17.26 1.20 10.06
CA TYR A 241 -18.26 0.94 11.09
C TYR A 241 -18.32 -0.56 11.36
N SER A 242 -17.20 -1.11 11.86
CA SER A 242 -17.09 -2.56 12.03
C SER A 242 -18.07 -3.09 13.06
N ASP A 243 -18.43 -2.28 14.05
CA ASP A 243 -19.37 -2.74 15.07
C ASP A 243 -20.74 -3.06 14.48
N ALA A 244 -21.09 -2.42 13.37
CA ALA A 244 -22.38 -2.64 12.74
C ALA A 244 -22.31 -3.45 11.45
N PHE A 245 -21.21 -3.36 10.70
CA PHE A 245 -21.13 -3.97 9.38
C PHE A 245 -20.18 -5.15 9.27
N LEU A 246 -19.24 -5.31 10.21
CA LEU A 246 -18.29 -6.41 10.11
C LEU A 246 -18.89 -7.63 10.81
N ASN A 247 -19.68 -8.39 10.05
CA ASN A 247 -20.26 -9.64 10.53
C ASN A 247 -20.49 -10.55 9.33
N ASP A 248 -20.92 -11.78 9.61
CA ASP A 248 -21.02 -12.78 8.56
C ASP A 248 -22.07 -12.41 7.52
N SER A 249 -23.17 -11.81 7.96
CA SER A 249 -24.24 -11.48 7.03
C SER A 249 -23.81 -10.45 5.99
N TYR A 250 -22.78 -9.66 6.29
CA TYR A 250 -22.21 -8.74 5.31
C TYR A 250 -20.98 -9.31 4.62
N LEU A 251 -20.14 -10.05 5.34
CA LEU A 251 -18.94 -10.64 4.75
C LEU A 251 -19.29 -11.66 3.67
N LYS A 252 -20.46 -12.30 3.79
CA LYS A 252 -20.82 -13.37 2.86
C LYS A 252 -20.86 -12.88 1.42
N TYR A 253 -21.15 -11.61 1.20
CA TYR A 253 -21.18 -11.08 -0.16
C TYR A 253 -19.78 -10.95 -0.74
N VAL A 254 -18.80 -10.59 0.09
CA VAL A 254 -17.42 -10.55 -0.37
C VAL A 254 -16.88 -11.96 -0.60
N GLY A 255 -17.23 -12.89 0.29
CA GLY A 255 -16.76 -14.26 0.12
C GLY A 255 -17.36 -14.94 -1.10
N TRP A 256 -18.65 -14.72 -1.35
CA TRP A 256 -19.28 -15.31 -2.53
C TRP A 256 -18.69 -14.75 -3.82
N THR A 257 -18.22 -13.50 -3.78
CA THR A 257 -17.67 -12.83 -4.96
C THR A 257 -16.20 -13.14 -5.16
N LEU A 258 -15.56 -13.86 -4.24
CA LEU A 258 -14.17 -14.26 -4.42
C LEU A 258 -13.97 -15.14 -5.64
N HIS A 259 -15.02 -15.83 -6.10
CA HIS A 259 -14.95 -16.71 -7.25
C HIS A 259 -15.32 -16.00 -8.55
N ASP A 260 -15.24 -14.68 -8.59
CA ASP A 260 -15.68 -13.94 -9.77
C ASP A 260 -14.75 -14.22 -10.95
N ARG A 261 -15.35 -14.24 -12.15
CA ARG A 261 -14.59 -14.53 -13.36
C ARG A 261 -13.67 -13.39 -13.75
N GLN A 262 -13.91 -12.18 -13.26
CA GLN A 262 -13.14 -11.00 -13.65
C GLN A 262 -12.14 -10.67 -12.56
N GLY A 263 -10.89 -10.45 -12.95
CA GLY A 263 -9.85 -10.17 -11.97
C GLY A 263 -10.04 -8.85 -11.26
N GLU A 264 -10.65 -7.87 -11.93
CA GLU A 264 -10.90 -6.59 -11.29
C GLU A 264 -11.86 -6.74 -10.11
N VAL A 265 -12.76 -7.72 -10.18
CA VAL A 265 -13.71 -7.93 -9.10
C VAL A 265 -13.08 -8.74 -7.97
N ARG A 266 -12.29 -9.75 -8.32
CA ARG A 266 -11.57 -10.50 -7.30
C ARG A 266 -10.59 -9.61 -6.55
N LEU A 267 -10.00 -8.64 -7.25
CA LEU A 267 -9.07 -7.73 -6.59
C LEU A 267 -9.80 -6.82 -5.61
N LYS A 268 -11.03 -6.40 -5.94
CA LYS A 268 -11.81 -5.59 -5.01
C LYS A 268 -12.15 -6.38 -3.76
N CYS A 269 -12.41 -7.68 -3.90
CA CYS A 269 -12.70 -8.50 -2.73
C CYS A 269 -11.48 -8.59 -1.82
N LEU A 270 -10.31 -8.86 -2.40
CA LEU A 270 -9.10 -9.03 -1.60
C LEU A 270 -8.68 -7.73 -0.93
N LYS A 271 -8.80 -6.60 -1.65
CA LYS A 271 -8.43 -5.32 -1.04
C LYS A 271 -9.42 -4.90 0.03
N ALA A 272 -10.69 -5.31 -0.10
CA ALA A 272 -11.66 -5.04 0.96
C ALA A 272 -11.35 -5.86 2.20
N LEU A 273 -10.91 -7.12 2.01
CA LEU A 273 -10.55 -7.95 3.16
C LEU A 273 -9.22 -7.52 3.75
N GLN A 274 -8.30 -7.02 2.93
CA GLN A 274 -6.97 -6.68 3.41
C GLN A 274 -7.02 -5.58 4.46
N SER A 275 -7.80 -4.53 4.20
CA SER A 275 -7.92 -3.42 5.15
C SER A 275 -8.56 -3.86 6.46
N LEU A 276 -9.30 -4.97 6.46
CA LEU A 276 -9.84 -5.50 7.71
C LEU A 276 -8.80 -6.33 8.45
N TYR A 277 -8.09 -7.20 7.71
CA TYR A 277 -7.14 -8.11 8.34
C TYR A 277 -5.89 -7.40 8.85
N THR A 278 -5.63 -6.17 8.43
CA THR A 278 -4.52 -5.40 9.00
C THR A 278 -4.78 -4.98 10.43
N ASN A 279 -5.99 -5.18 10.94
CA ASN A 279 -6.35 -4.84 12.31
C ASN A 279 -6.65 -6.16 13.03
N ARG A 280 -5.70 -6.59 13.87
CA ARG A 280 -5.86 -7.85 14.59
C ARG A 280 -7.03 -7.81 15.57
N GLU A 281 -7.52 -6.62 15.91
CA GLU A 281 -8.70 -6.53 16.76
C GLU A 281 -9.97 -6.99 16.05
N LEU A 282 -9.91 -7.21 14.74
CA LEU A 282 -11.05 -7.65 13.96
C LEU A 282 -10.99 -9.15 13.62
N PHE A 283 -9.91 -9.83 14.01
CA PHE A 283 -9.79 -11.26 13.72
C PHE A 283 -10.92 -12.09 14.32
N PRO A 284 -11.40 -11.86 15.56
CA PRO A 284 -12.56 -12.63 16.02
C PRO A 284 -13.79 -12.46 15.14
N LYS A 285 -14.02 -11.25 14.61
CA LYS A 285 -15.13 -11.03 13.71
C LYS A 285 -14.94 -11.73 12.37
N LEU A 286 -13.70 -12.08 12.03
CA LEU A 286 -13.37 -12.69 10.75
C LEU A 286 -13.06 -14.18 10.86
N GLU A 287 -13.19 -14.77 12.04
CA GLU A 287 -12.75 -16.15 12.24
C GLU A 287 -13.60 -17.12 11.44
N LEU A 288 -14.92 -16.97 11.46
CA LEU A 288 -15.78 -17.84 10.67
C LEU A 288 -15.52 -17.64 9.18
N PHE A 289 -15.36 -16.38 8.75
CA PHE A 289 -15.06 -16.09 7.36
C PHE A 289 -13.72 -16.71 6.95
N THR A 290 -12.72 -16.61 7.83
CA THR A 290 -11.41 -17.19 7.52
C THR A 290 -11.50 -18.70 7.39
N ASN A 291 -12.21 -19.36 8.31
CA ASN A 291 -12.37 -20.81 8.23
C ASN A 291 -13.12 -21.23 6.97
N ARG A 292 -14.10 -20.44 6.56
CA ARG A 292 -14.94 -20.82 5.43
C ARG A 292 -14.22 -20.62 4.10
N PHE A 293 -13.55 -19.49 3.93
CA PHE A 293 -12.93 -19.14 2.65
C PHE A 293 -11.41 -19.27 2.66
N LYS A 294 -10.88 -20.08 3.60
CA LYS A 294 -9.44 -20.28 3.69
C LYS A 294 -8.89 -20.88 2.39
N ASP A 295 -9.58 -21.89 1.86
CA ASP A 295 -9.06 -22.61 0.69
C ASP A 295 -9.09 -21.75 -0.55
N ARG A 296 -10.11 -20.90 -0.70
CA ARG A 296 -10.19 -20.04 -1.87
C ARG A 296 -9.10 -18.97 -1.83
N ILE A 297 -8.85 -18.40 -0.66
CA ILE A 297 -7.89 -17.30 -0.56
C ILE A 297 -6.48 -17.77 -0.84
N VAL A 298 -6.08 -18.92 -0.31
CA VAL A 298 -4.75 -19.44 -0.58
C VAL A 298 -4.63 -19.88 -2.03
N SER A 299 -5.74 -20.29 -2.64
CA SER A 299 -5.70 -20.69 -4.05
C SER A 299 -5.51 -19.49 -4.96
N MET A 300 -5.98 -18.31 -4.54
CA MET A 300 -5.80 -17.08 -5.30
C MET A 300 -4.39 -16.53 -5.24
N THR A 301 -3.52 -17.11 -4.41
CA THR A 301 -2.12 -16.68 -4.38
C THR A 301 -1.41 -16.99 -5.68
N LEU A 302 -1.90 -17.94 -6.46
CA LEU A 302 -1.39 -18.21 -7.80
C LEU A 302 -2.46 -17.93 -8.85
N ASP A 303 -3.25 -16.88 -8.60
CA ASP A 303 -4.22 -16.41 -9.58
C ASP A 303 -3.53 -16.00 -10.86
N LYS A 304 -4.20 -16.22 -12.00
CA LYS A 304 -3.60 -15.87 -13.28
C LYS A 304 -3.44 -14.37 -13.45
N GLU A 305 -4.18 -13.57 -12.68
CA GLU A 305 -3.99 -12.13 -12.66
C GLU A 305 -2.93 -11.79 -11.62
N TYR A 306 -1.90 -11.04 -12.03
CA TYR A 306 -0.77 -10.75 -11.15
C TYR A 306 -1.20 -9.93 -9.94
N ASP A 307 -2.00 -8.88 -10.16
CA ASP A 307 -2.42 -8.03 -9.06
C ASP A 307 -3.29 -8.78 -8.07
N VAL A 308 -4.12 -9.70 -8.57
CA VAL A 308 -4.95 -10.51 -7.67
C VAL A 308 -4.06 -11.44 -6.83
N ALA A 309 -3.07 -12.07 -7.47
CA ALA A 309 -2.21 -13.00 -6.74
C ALA A 309 -1.35 -12.27 -5.70
N VAL A 310 -0.83 -11.10 -6.05
CA VAL A 310 0.00 -10.34 -5.10
C VAL A 310 -0.83 -9.95 -3.87
N GLU A 311 -2.07 -9.51 -4.09
CA GLU A 311 -2.93 -9.14 -2.97
C GLU A 311 -3.33 -10.36 -2.15
N ALA A 312 -3.50 -11.52 -2.80
CA ALA A 312 -3.84 -12.73 -2.07
C ALA A 312 -2.68 -13.19 -1.20
N ILE A 313 -1.45 -13.12 -1.73
CA ILE A 313 -0.27 -13.42 -0.92
C ILE A 313 -0.17 -12.44 0.23
N ARG A 314 -0.42 -11.17 -0.03
CA ARG A 314 -0.44 -10.16 1.03
C ARG A 314 -1.50 -10.48 2.07
N LEU A 315 -2.66 -10.99 1.64
CA LEU A 315 -3.73 -11.30 2.57
C LEU A 315 -3.39 -12.55 3.39
N VAL A 316 -2.90 -13.61 2.73
CA VAL A 316 -2.55 -14.84 3.44
C VAL A 316 -1.45 -14.57 4.46
N THR A 317 -0.55 -13.62 4.18
CA THR A 317 0.51 -13.29 5.13
C THR A 317 -0.07 -12.72 6.42
N LEU A 318 -1.09 -11.86 6.31
CA LEU A 318 -1.72 -11.30 7.49
C LEU A 318 -2.45 -12.37 8.28
N ILE A 319 -3.12 -13.30 7.59
CA ILE A 319 -3.85 -14.36 8.28
C ILE A 319 -2.90 -15.24 9.07
N LEU A 320 -1.76 -15.59 8.49
CA LEU A 320 -0.78 -16.41 9.19
C LEU A 320 -0.20 -15.67 10.39
N HIS A 321 0.04 -14.36 10.24
CA HIS A 321 0.67 -13.60 11.32
C HIS A 321 -0.27 -13.38 12.50
N GLY A 322 -1.58 -13.45 12.28
CA GLY A 322 -2.55 -13.25 13.34
C GLY A 322 -3.13 -14.54 13.91
N SER A 323 -2.59 -15.70 13.56
CA SER A 323 -3.11 -16.97 14.03
C SER A 323 -2.38 -17.41 15.29
N GLU A 324 -2.81 -18.55 15.84
CA GLU A 324 -2.17 -19.07 17.05
C GLU A 324 -0.78 -19.59 16.77
N GLU A 325 -0.51 -20.02 15.54
CA GLU A 325 0.82 -20.54 15.20
C GLU A 325 1.88 -19.45 15.28
N ALA A 326 1.50 -18.20 15.03
CA ALA A 326 2.44 -17.08 15.06
C ALA A 326 2.75 -16.61 16.48
N LEU A 327 2.19 -17.25 17.50
CA LEU A 327 2.45 -16.88 18.89
C LEU A 327 3.66 -17.67 19.39
N SER A 328 4.73 -16.94 19.72
CA SER A 328 5.97 -17.57 20.16
C SER A 328 6.01 -17.67 21.68
N ASN A 329 6.59 -18.76 22.18
CA ASN A 329 6.66 -18.97 23.62
C ASN A 329 7.64 -18.01 24.27
N GLU A 330 8.82 -17.84 23.66
CA GLU A 330 9.86 -17.04 24.30
C GLU A 330 9.47 -15.57 24.39
N ASP A 331 8.60 -15.10 23.50
CA ASP A 331 8.17 -13.71 23.55
C ASP A 331 7.18 -13.46 24.69
N CYS A 332 6.22 -14.38 24.88
CA CYS A 332 5.29 -14.22 25.99
C CYS A 332 5.98 -14.41 27.33
N GLU A 333 7.01 -15.27 27.38
CA GLU A 333 7.85 -15.34 28.58
C GLU A 333 8.62 -14.05 28.78
N ASN A 334 8.97 -13.37 27.69
CA ASN A 334 9.74 -12.13 27.79
C ASN A 334 8.91 -11.00 28.36
N VAL A 335 7.62 -10.94 27.98
CA VAL A 335 6.78 -9.83 28.41
C VAL A 335 6.35 -9.99 29.87
N TYR A 336 6.20 -11.23 30.34
CA TYR A 336 5.69 -11.50 31.68
C TYR A 336 6.78 -12.00 32.63
N HIS A 337 8.00 -11.50 32.49
CA HIS A 337 9.09 -11.93 33.34
C HIS A 337 9.17 -11.06 34.60
N LEU A 338 9.78 -11.63 35.64
CA LEU A 338 9.87 -10.99 36.95
C LEU A 338 8.50 -10.58 37.48
N ARG B 2 -30.12 1.09 -32.66
CA ARG B 2 -30.08 1.87 -31.42
C ARG B 2 -28.81 1.56 -30.65
N LYS B 3 -28.02 2.60 -30.36
CA LYS B 3 -26.70 2.44 -29.76
C LYS B 3 -26.71 2.50 -28.24
N LEU B 4 -27.85 2.79 -27.62
CA LEU B 4 -27.92 2.81 -26.16
C LEU B 4 -27.71 1.42 -25.60
N ILE B 5 -26.75 1.29 -24.70
CA ILE B 5 -26.42 -0.01 -24.12
C ILE B 5 -27.57 -0.47 -23.23
N VAL B 6 -28.16 -1.61 -23.57
CA VAL B 6 -29.28 -2.18 -22.83
C VAL B 6 -28.98 -3.64 -22.58
N ASP B 7 -28.92 -4.02 -21.30
CA ASP B 7 -28.62 -5.39 -20.90
C ASP B 7 -29.92 -6.15 -20.68
N SER B 8 -30.15 -7.19 -21.49
CA SER B 8 -31.36 -7.99 -21.35
C SER B 8 -31.45 -8.60 -19.96
N VAL B 9 -30.43 -9.35 -19.56
CA VAL B 9 -30.33 -9.91 -18.22
C VAL B 9 -29.44 -8.98 -17.38
N LYS B 10 -29.93 -8.61 -16.20
CA LYS B 10 -29.23 -7.62 -15.38
C LYS B 10 -28.31 -8.24 -14.35
N GLU B 11 -28.62 -9.44 -13.87
CA GLU B 11 -27.88 -10.05 -12.79
C GLU B 11 -27.29 -11.38 -13.23
N LEU B 12 -26.21 -11.78 -12.54
CA LEU B 12 -25.68 -13.12 -12.69
C LEU B 12 -26.70 -14.14 -12.20
N ASP B 13 -27.07 -15.09 -13.05
CA ASP B 13 -28.02 -16.10 -12.65
C ASP B 13 -27.39 -17.09 -11.66
N SER B 14 -28.25 -17.75 -10.89
CA SER B 14 -27.78 -18.74 -9.93
C SER B 14 -27.15 -19.94 -10.60
N LYS B 15 -27.45 -20.18 -11.88
CA LYS B 15 -26.86 -21.29 -12.62
C LYS B 15 -25.43 -21.02 -13.07
N THR B 16 -24.87 -19.86 -12.70
CA THR B 16 -23.48 -19.56 -13.00
C THR B 16 -22.73 -19.02 -11.78
N ILE B 17 -23.36 -19.04 -10.61
CA ILE B 17 -22.70 -18.65 -9.36
C ILE B 17 -22.01 -19.87 -8.76
N ARG B 18 -22.03 -20.97 -9.49
CA ARG B 18 -21.36 -22.21 -9.07
C ARG B 18 -19.86 -22.18 -9.32
N ALA B 19 -19.21 -21.07 -9.00
CA ALA B 19 -17.77 -20.93 -9.22
C ALA B 19 -17.02 -21.09 -7.90
N GLY C 4 13.91 0.25 23.91
CA GLY C 4 13.10 0.42 22.72
C GLY C 4 12.40 -0.86 22.31
N THR C 5 11.10 -0.75 21.98
CA THR C 5 10.32 -1.93 21.62
C THR C 5 10.85 -2.57 20.34
N LEU C 6 11.18 -1.77 19.33
CA LEU C 6 11.69 -2.31 18.08
C LEU C 6 13.05 -2.97 18.28
N PHE C 7 13.88 -2.44 19.17
CA PHE C 7 15.20 -3.03 19.39
C PHE C 7 15.09 -4.37 20.10
N GLU C 8 14.30 -4.45 21.18
CA GLU C 8 14.22 -5.68 21.96
C GLU C 8 13.50 -6.78 21.20
N VAL C 9 12.53 -6.43 20.35
CA VAL C 9 11.85 -7.45 19.56
C VAL C 9 12.79 -8.02 18.51
N VAL C 10 13.61 -7.17 17.90
CA VAL C 10 14.62 -7.67 16.97
C VAL C 10 15.67 -8.49 17.71
N LYS C 11 15.97 -8.11 18.96
CA LYS C 11 16.93 -8.88 19.76
C LYS C 11 16.51 -10.34 19.87
N LEU C 12 15.22 -10.59 20.14
CA LEU C 12 14.72 -11.93 20.40
C LEU C 12 14.02 -12.56 19.21
N GLY C 13 13.27 -11.75 18.46
CA GLY C 13 12.14 -12.20 17.67
C GLY C 13 12.33 -13.29 16.65
N LYS C 14 11.18 -13.76 16.14
CA LYS C 14 11.08 -14.71 15.05
C LYS C 14 9.70 -14.51 14.42
N SER C 15 8.69 -15.14 15.00
CA SER C 15 7.32 -14.82 14.61
C SER C 15 6.88 -13.48 15.20
N ALA C 16 7.48 -13.08 16.32
CA ALA C 16 7.16 -11.81 16.96
C ALA C 16 7.76 -10.62 16.24
N MET C 17 8.65 -10.83 15.26
CA MET C 17 9.26 -9.72 14.55
C MET C 17 8.44 -9.29 13.33
N GLN C 18 7.92 -10.25 12.56
CA GLN C 18 7.08 -9.91 11.41
C GLN C 18 5.79 -9.24 11.86
N SER C 19 5.26 -9.67 13.02
CA SER C 19 4.07 -9.03 13.56
C SER C 19 4.37 -7.63 14.08
N VAL C 20 5.59 -7.39 14.55
CA VAL C 20 5.96 -6.05 14.99
C VAL C 20 6.22 -5.14 13.80
N VAL C 21 6.64 -5.70 12.66
CA VAL C 21 6.73 -4.92 11.43
C VAL C 21 5.35 -4.45 11.01
N ASP C 22 4.36 -5.34 11.09
CA ASP C 22 2.99 -4.95 10.77
C ASP C 22 2.41 -4.02 11.83
N ASP C 23 2.92 -4.08 13.06
CA ASP C 23 2.51 -3.13 14.08
C ASP C 23 3.01 -1.72 13.73
N TRP C 24 4.27 -1.62 13.31
CA TRP C 24 4.82 -0.33 12.95
C TRP C 24 4.13 0.26 11.73
N ILE C 25 3.68 -0.59 10.80
CA ILE C 25 3.02 -0.09 9.60
C ILE C 25 1.66 0.51 9.93
N GLU C 26 0.87 -0.20 10.74
CA GLU C 26 -0.39 0.38 11.21
C GLU C 26 -0.15 1.61 12.07
N SER C 27 0.98 1.66 12.79
CA SER C 27 1.35 2.87 13.51
C SER C 27 1.76 3.98 12.55
N TYR C 28 2.40 3.61 11.44
CA TYR C 28 2.79 4.61 10.44
C TYR C 28 1.57 5.19 9.75
N LYS C 29 0.53 4.38 9.53
CA LYS C 29 -0.71 4.89 8.96
C LYS C 29 -1.41 5.85 9.92
N GLN C 30 -1.16 5.72 11.22
CA GLN C 30 -1.73 6.62 12.21
C GLN C 30 -1.04 7.99 12.13
N ASP C 31 0.20 8.06 12.63
CA ASP C 31 1.02 9.26 12.52
C ASP C 31 2.35 8.87 11.91
N ARG C 32 2.63 9.43 10.74
CA ARG C 32 3.87 9.07 10.03
C ARG C 32 5.10 9.55 10.78
N ASP C 33 5.03 10.75 11.37
CA ASP C 33 6.21 11.31 12.04
C ASP C 33 6.52 10.56 13.33
N ILE C 34 5.49 10.13 14.06
CA ILE C 34 5.72 9.40 15.32
C ILE C 34 6.37 8.05 15.05
N ALA C 35 5.80 7.29 14.10
CA ALA C 35 6.33 5.96 13.80
C ALA C 35 7.71 6.05 13.15
N LEU C 36 7.98 7.10 12.39
CA LEU C 36 9.30 7.27 11.81
C LEU C 36 10.35 7.54 12.89
N LEU C 37 9.98 8.28 13.94
CA LEU C 37 10.93 8.54 15.02
C LEU C 37 11.30 7.26 15.76
N ASP C 38 10.33 6.36 15.95
CA ASP C 38 10.65 5.06 16.54
C ASP C 38 11.63 4.29 15.66
N LEU C 39 11.46 4.38 14.34
CA LEU C 39 12.39 3.72 13.42
C LEU C 39 13.74 4.42 13.40
N ILE C 40 13.76 5.75 13.59
CA ILE C 40 15.03 6.47 13.69
C ILE C 40 15.79 6.02 14.93
N ASN C 41 15.09 5.94 16.06
CA ASN C 41 15.71 5.46 17.30
C ASN C 41 16.06 3.98 17.23
N PHE C 42 15.38 3.22 16.37
CA PHE C 42 15.70 1.80 16.24
C PHE C 42 17.12 1.60 15.74
N PHE C 43 17.50 2.33 14.69
CA PHE C 43 18.86 2.24 14.17
C PHE C 43 19.88 2.84 15.14
N ILE C 44 19.45 3.79 15.97
CA ILE C 44 20.34 4.36 16.97
C ILE C 44 20.64 3.34 18.05
N GLN C 45 19.60 2.67 18.56
CA GLN C 45 19.79 1.69 19.63
C GLN C 45 20.45 0.42 19.11
N CYS C 46 20.25 0.08 17.84
CA CYS C 46 20.94 -1.07 17.26
C CYS C 46 22.43 -0.86 17.19
N SER C 47 22.90 0.39 17.23
CA SER C 47 24.33 0.67 17.28
C SER C 47 24.90 0.63 18.69
N GLY C 48 24.07 0.32 19.69
CA GLY C 48 24.50 0.33 21.07
C GLY C 48 24.43 1.69 21.74
N CYS C 49 23.67 2.63 21.20
CA CYS C 49 23.61 3.98 21.72
C CYS C 49 22.48 4.12 22.72
N ARG C 50 22.79 4.64 23.90
CA ARG C 50 21.79 4.88 24.94
C ARG C 50 20.99 6.16 24.72
N GLY C 51 21.33 6.95 23.68
CA GLY C 51 20.62 8.17 23.42
C GLY C 51 19.25 7.96 22.81
N THR C 52 18.49 9.06 22.74
CA THR C 52 17.14 9.02 22.20
C THR C 52 16.87 10.29 21.42
N VAL C 53 16.40 10.14 20.19
CA VAL C 53 16.02 11.28 19.36
C VAL C 53 14.59 11.66 19.68
N ARG C 54 14.37 12.93 20.00
CA ARG C 54 13.04 13.41 20.32
C ARG C 54 12.35 13.96 19.08
N ILE C 55 11.03 14.19 19.21
CA ILE C 55 10.24 14.67 18.09
C ILE C 55 10.70 16.05 17.66
N GLU C 56 11.21 16.86 18.61
CA GLU C 56 11.72 18.18 18.26
C GLU C 56 12.90 18.08 17.29
N MET C 57 13.91 17.29 17.66
CA MET C 57 15.09 17.12 16.81
C MET C 57 14.74 16.56 15.44
N PHE C 58 13.62 15.84 15.32
CA PHE C 58 13.18 15.33 14.03
C PHE C 58 12.91 16.47 13.05
N ARG C 59 12.25 17.52 13.52
CA ARG C 59 11.91 18.67 12.68
C ARG C 59 12.79 19.89 12.98
N ASN C 60 13.04 20.19 14.26
CA ASN C 60 13.82 21.36 14.61
C ASN C 60 15.29 21.22 14.24
N MET C 61 15.78 19.99 14.05
CA MET C 61 17.19 19.78 13.74
C MET C 61 17.36 19.12 12.38
N GLN C 62 18.52 18.51 12.15
CA GLN C 62 18.82 17.88 10.87
C GLN C 62 19.69 16.65 11.11
N ASN C 63 19.81 15.81 10.08
CA ASN C 63 20.50 14.52 10.21
C ASN C 63 21.90 14.67 10.75
N ALA C 64 22.73 15.50 10.09
CA ALA C 64 24.13 15.63 10.48
C ALA C 64 24.27 16.16 11.91
N GLU C 65 23.35 17.02 12.33
CA GLU C 65 23.42 17.56 13.68
C GLU C 65 22.91 16.59 14.73
N ILE C 66 22.00 15.70 14.35
CA ILE C 66 21.41 14.77 15.31
C ILE C 66 22.44 13.74 15.76
N ILE C 67 23.31 13.31 14.84
CA ILE C 67 24.26 12.24 15.15
C ILE C 67 25.22 12.67 16.25
N ARG C 68 25.71 13.91 16.18
CA ARG C 68 26.59 14.42 17.22
C ARG C 68 25.89 14.47 18.57
N LYS C 69 24.58 14.70 18.57
CA LYS C 69 23.82 14.68 19.83
C LYS C 69 23.74 13.27 20.38
N MET C 70 23.64 12.26 19.51
CA MET C 70 23.65 10.88 19.96
C MET C 70 25.06 10.36 20.25
N THR C 71 26.09 11.03 19.70
CA THR C 71 27.46 10.64 20.03
C THR C 71 27.80 10.96 21.47
N GLU C 72 27.44 12.16 21.94
CA GLU C 72 27.68 12.52 23.32
C GLU C 72 26.76 11.76 24.27
N GLU C 73 25.56 11.39 23.81
CA GLU C 73 24.62 10.60 24.59
C GLU C 73 24.75 9.10 24.33
N PHE C 74 25.88 8.66 23.79
CA PHE C 74 26.05 7.24 23.51
C PHE C 74 26.06 6.42 24.79
N ASP C 75 26.73 6.92 25.83
CA ASP C 75 26.76 6.30 27.15
C ASP C 75 27.20 4.83 27.05
N GLU C 76 28.38 4.64 26.48
CA GLU C 76 28.93 3.32 26.23
C GLU C 76 29.96 2.96 27.29
N ASP C 77 30.15 1.64 27.47
CA ASP C 77 31.20 1.14 28.34
C ASP C 77 32.51 1.15 27.58
N SER C 78 32.86 0.02 26.97
CA SER C 78 33.99 -0.04 26.06
C SER C 78 33.50 0.27 24.65
N GLY C 79 34.35 0.07 23.65
CA GLY C 79 33.97 0.33 22.28
C GLY C 79 33.04 -0.69 21.66
N ASP C 80 32.60 -1.68 22.43
CA ASP C 80 31.76 -2.74 21.88
C ASP C 80 30.36 -2.22 21.57
N TYR C 81 29.76 -2.82 20.54
CA TYR C 81 28.39 -2.54 20.14
C TYR C 81 27.79 -3.84 19.63
N PRO C 82 26.45 -3.93 19.54
CA PRO C 82 25.81 -5.23 19.27
C PRO C 82 26.39 -6.03 18.10
N LEU C 83 26.91 -5.36 17.07
CA LEU C 83 27.42 -6.09 15.92
C LEU C 83 28.76 -6.76 16.19
N THR C 84 29.51 -6.29 17.19
CA THR C 84 30.80 -6.89 17.55
C THR C 84 30.75 -7.63 18.87
N MET C 85 29.55 -8.01 19.32
CA MET C 85 29.44 -8.73 20.58
C MET C 85 29.61 -10.23 20.36
N PRO C 86 30.34 -10.91 21.22
CA PRO C 86 30.52 -12.36 21.09
C PRO C 86 29.28 -13.11 21.55
N GLY C 87 29.31 -14.42 21.36
CA GLY C 87 28.24 -15.29 21.78
C GLY C 87 27.21 -15.52 20.69
N PRO C 88 26.59 -16.71 20.69
CA PRO C 88 25.55 -16.99 19.69
C PRO C 88 24.30 -16.13 19.84
N GLN C 89 24.15 -15.42 20.96
CA GLN C 89 22.98 -14.56 21.14
C GLN C 89 23.02 -13.37 20.20
N TRP C 90 24.12 -12.62 20.22
CA TRP C 90 24.23 -11.44 19.37
C TRP C 90 24.48 -11.80 17.91
N LYS C 91 24.93 -13.03 17.63
CA LYS C 91 24.96 -13.50 16.26
C LYS C 91 23.55 -13.68 15.71
N LYS C 92 22.60 -14.04 16.59
CA LYS C 92 21.20 -14.02 16.20
C LYS C 92 20.72 -12.59 15.96
N PHE C 93 21.21 -11.64 16.75
CA PHE C 93 20.80 -10.24 16.59
C PHE C 93 21.15 -9.73 15.20
N ARG C 94 22.40 -9.94 14.77
CA ARG C 94 22.80 -9.51 13.42
C ARG C 94 21.93 -10.17 12.36
N SER C 95 21.59 -11.45 12.56
CA SER C 95 20.71 -12.13 11.62
C SER C 95 19.29 -11.58 11.70
N ASN C 96 18.82 -11.27 12.90
CA ASN C 96 17.49 -10.69 13.06
C ASN C 96 17.46 -9.22 12.62
N PHE C 97 18.57 -8.51 12.81
CA PHE C 97 18.64 -7.12 12.36
C PHE C 97 18.54 -7.03 10.84
N CYS C 98 19.13 -8.01 10.14
CA CYS C 98 19.06 -8.02 8.68
C CYS C 98 17.71 -8.50 8.17
N GLU C 99 17.11 -9.47 8.84
CA GLU C 99 15.80 -9.95 8.42
C GLU C 99 14.71 -8.92 8.67
N PHE C 100 14.82 -8.15 9.76
CA PHE C 100 13.84 -7.11 10.05
C PHE C 100 13.73 -6.11 8.92
N ILE C 101 14.87 -5.71 8.34
CA ILE C 101 14.86 -4.74 7.26
C ILE C 101 14.18 -5.30 6.03
N GLY C 102 14.42 -6.57 5.73
CA GLY C 102 13.76 -7.20 4.59
C GLY C 102 12.26 -7.33 4.79
N VAL C 103 11.84 -7.70 6.01
CA VAL C 103 10.42 -7.83 6.30
C VAL C 103 9.74 -6.47 6.27
N LEU C 104 10.44 -5.43 6.72
CA LEU C 104 9.88 -4.08 6.72
C LEU C 104 9.59 -3.61 5.30
N ILE C 105 10.54 -3.80 4.39
CA ILE C 105 10.35 -3.35 3.02
C ILE C 105 9.33 -4.23 2.30
N ARG C 106 9.35 -5.53 2.59
CA ARG C 106 8.37 -6.44 1.99
C ARG C 106 6.94 -6.02 2.32
N GLN C 107 6.71 -5.59 3.56
CA GLN C 107 5.39 -5.14 3.96
C GLN C 107 5.10 -3.71 3.54
N CYS C 108 6.13 -2.94 3.20
CA CYS C 108 5.96 -1.56 2.76
C CYS C 108 5.93 -1.42 1.25
N GLN C 109 6.26 -2.48 0.50
CA GLN C 109 6.40 -2.38 -0.95
C GLN C 109 5.10 -2.05 -1.65
N TYR C 110 3.95 -2.20 -0.97
CA TYR C 110 2.67 -2.07 -1.66
C TYR C 110 2.29 -0.61 -1.89
N SER C 111 2.62 0.28 -0.95
CA SER C 111 2.27 1.69 -1.10
C SER C 111 3.20 2.60 -0.31
N ILE C 112 3.56 2.19 0.90
CA ILE C 112 4.35 3.04 1.79
C ILE C 112 5.71 3.34 1.15
N ILE C 113 6.28 2.39 0.42
CA ILE C 113 7.57 2.59 -0.24
C ILE C 113 7.51 3.79 -1.17
N TYR C 114 6.36 4.06 -1.78
CA TYR C 114 6.23 5.07 -2.82
C TYR C 114 5.62 6.38 -2.32
N ASP C 115 5.46 6.56 -1.01
CA ASP C 115 4.85 7.79 -0.53
C ASP C 115 5.81 8.98 -0.48
N GLU C 116 7.04 8.80 -0.96
CA GLU C 116 8.03 9.88 -1.07
C GLU C 116 8.32 10.53 0.28
N TYR C 117 8.16 9.79 1.37
CA TYR C 117 8.39 10.34 2.70
C TYR C 117 9.03 9.31 3.62
N MET C 118 8.55 8.07 3.57
CA MET C 118 9.09 7.04 4.45
C MET C 118 10.51 6.67 4.06
N MET C 119 10.74 6.39 2.78
CA MET C 119 12.06 5.94 2.34
C MET C 119 13.08 7.06 2.38
N ASP C 120 12.67 8.28 2.03
CA ASP C 120 13.59 9.41 2.04
C ASP C 120 14.15 9.65 3.44
N THR C 121 13.31 9.52 4.46
CA THR C 121 13.76 9.72 5.83
C THR C 121 14.80 8.67 6.23
N VAL C 122 14.54 7.40 5.90
CA VAL C 122 15.42 6.32 6.30
C VAL C 122 16.75 6.39 5.55
N ILE C 123 16.70 6.63 4.23
CA ILE C 123 17.92 6.72 3.45
C ILE C 123 18.77 7.90 3.91
N SER C 124 18.13 9.02 4.23
CA SER C 124 18.87 10.18 4.72
C SER C 124 19.52 9.90 6.06
N LEU C 125 18.84 9.14 6.93
CA LEU C 125 19.41 8.81 8.23
C LEU C 125 20.62 7.89 8.08
N LEU C 126 20.47 6.81 7.30
CA LEU C 126 21.57 5.87 7.13
C LEU C 126 22.75 6.52 6.42
N THR C 127 22.48 7.38 5.43
CA THR C 127 23.54 8.08 4.73
C THR C 127 24.35 8.95 5.68
N GLY C 128 23.65 9.70 6.55
CA GLY C 128 24.36 10.49 7.55
C GLY C 128 25.14 9.62 8.52
N LEU C 129 24.54 8.52 8.98
CA LEU C 129 25.23 7.60 9.87
C LEU C 129 26.39 6.92 9.17
N SER C 130 26.23 6.59 7.88
CA SER C 130 27.31 5.95 7.13
C SER C 130 28.48 6.89 6.90
N ASP C 131 28.25 8.20 6.96
CA ASP C 131 29.31 9.18 6.83
C ASP C 131 29.86 9.61 8.19
N SER C 132 29.37 9.01 9.27
CA SER C 132 29.84 9.34 10.60
C SER C 132 31.15 8.63 10.92
N GLN C 133 31.94 9.25 11.79
CA GLN C 133 33.20 8.68 12.22
C GLN C 133 33.05 7.65 13.33
N VAL C 134 31.88 7.60 13.99
CA VAL C 134 31.66 6.62 15.04
C VAL C 134 31.59 5.24 14.41
N ARG C 135 32.44 4.32 14.90
CA ARG C 135 32.48 2.97 14.35
C ARG C 135 31.13 2.28 14.51
N ALA C 136 30.46 2.48 15.65
CA ALA C 136 29.16 1.84 15.88
C ALA C 136 28.10 2.38 14.93
N PHE C 137 28.20 3.65 14.52
CA PHE C 137 27.20 4.22 13.62
C PHE C 137 27.49 3.89 12.16
N ARG C 138 28.77 3.99 11.75
CA ARG C 138 29.12 3.74 10.35
C ARG C 138 28.94 2.27 9.99
N HIS C 139 29.36 1.37 10.88
CA HIS C 139 29.23 -0.06 10.61
C HIS C 139 27.76 -0.49 10.59
N THR C 140 26.98 -0.09 11.60
CA THR C 140 25.61 -0.55 11.71
C THR C 140 24.74 -0.01 10.58
N SER C 141 24.98 1.24 10.16
CA SER C 141 24.16 1.84 9.11
C SER C 141 24.53 1.29 7.74
N THR C 142 25.83 1.04 7.51
CA THR C 142 26.24 0.48 6.22
C THR C 142 25.61 -0.89 6.01
N LEU C 143 25.65 -1.75 7.03
CA LEU C 143 24.98 -3.04 6.94
C LEU C 143 23.49 -2.88 6.68
N ALA C 144 22.86 -1.92 7.36
CA ALA C 144 21.44 -1.67 7.14
C ALA C 144 21.19 -1.14 5.74
N ALA C 145 22.06 -0.26 5.25
CA ALA C 145 21.89 0.28 3.90
C ALA C 145 22.08 -0.80 2.85
N MET C 146 23.01 -1.73 3.08
CA MET C 146 23.18 -2.83 2.13
C MET C 146 21.97 -3.75 2.12
N LYS C 147 21.43 -4.06 3.30
CA LYS C 147 20.23 -4.89 3.36
C LYS C 147 19.01 -4.15 2.81
N LEU C 148 18.93 -2.84 3.05
CA LEU C 148 17.84 -2.06 2.47
C LEU C 148 17.93 -2.05 0.96
N MET C 149 19.13 -1.94 0.41
CA MET C 149 19.31 -1.98 -1.03
C MET C 149 18.83 -3.30 -1.61
N THR C 150 19.22 -4.41 -0.98
CA THR C 150 18.81 -5.73 -1.45
C THR C 150 17.30 -5.86 -1.50
N ALA C 151 16.60 -5.32 -0.50
CA ALA C 151 15.14 -5.35 -0.51
C ALA C 151 14.58 -4.50 -1.63
N LEU C 152 15.15 -3.31 -1.85
CA LEU C 152 14.71 -2.48 -2.97
C LEU C 152 15.02 -3.15 -4.31
N VAL C 153 16.18 -3.80 -4.41
CA VAL C 153 16.52 -4.53 -5.63
C VAL C 153 15.52 -5.63 -5.90
N ASN C 154 15.07 -6.32 -4.83
CA ASN C 154 14.07 -7.37 -5.00
C ASN C 154 12.73 -6.78 -5.43
N VAL C 155 12.39 -5.59 -4.94
CA VAL C 155 11.19 -4.90 -5.40
C VAL C 155 11.32 -4.51 -6.86
N ALA C 156 12.48 -3.99 -7.25
CA ALA C 156 12.68 -3.56 -8.63
C ALA C 156 12.66 -4.76 -9.58
N LEU C 157 13.17 -5.90 -9.13
CA LEU C 157 13.14 -7.11 -9.97
C LEU C 157 11.71 -7.58 -10.19
N ASN C 158 10.94 -7.72 -9.11
CA ASN C 158 9.54 -8.12 -9.25
C ASN C 158 8.76 -7.16 -10.14
N LEU C 159 9.00 -5.84 -9.96
CA LEU C 159 8.32 -4.86 -10.80
C LEU C 159 8.74 -4.99 -12.26
N SER C 160 10.03 -5.27 -12.50
CA SER C 160 10.51 -5.41 -13.87
C SER C 160 9.89 -6.63 -14.56
N ILE C 161 9.67 -7.71 -13.81
CA ILE C 161 9.03 -8.88 -14.38
C ILE C 161 7.58 -8.59 -14.72
N HIS C 162 6.88 -7.87 -13.83
CA HIS C 162 5.49 -7.51 -14.10
C HIS C 162 5.38 -6.52 -15.24
N GLN C 163 6.39 -5.67 -15.44
CA GLN C 163 6.36 -4.71 -16.55
C GLN C 163 6.45 -5.42 -17.89
N ASP C 164 7.40 -6.36 -18.02
CA ASP C 164 7.56 -7.05 -19.30
C ASP C 164 6.32 -7.87 -19.65
N ASN C 165 5.71 -8.51 -18.64
CA ASN C 165 4.43 -9.17 -18.87
C ASN C 165 3.36 -8.18 -19.34
N THR C 166 3.34 -7.00 -18.73
CA THR C 166 2.37 -5.98 -19.13
C THR C 166 2.67 -5.47 -20.53
N GLN C 167 3.94 -5.32 -20.87
CA GLN C 167 4.32 -4.90 -22.22
C GLN C 167 3.89 -5.94 -23.25
N ARG C 168 4.12 -7.23 -22.97
CA ARG C 168 3.76 -8.27 -23.92
C ARG C 168 2.25 -8.34 -24.11
N GLN C 169 1.48 -8.15 -23.04
CA GLN C 169 0.03 -8.08 -23.18
C GLN C 169 -0.39 -6.85 -23.98
N TYR C 170 0.36 -5.75 -23.85
CA TYR C 170 0.05 -4.55 -24.60
C TYR C 170 0.32 -4.74 -26.09
N GLU C 171 1.49 -5.28 -26.43
CA GLU C 171 1.83 -5.47 -27.83
C GLU C 171 0.92 -6.51 -28.48
N ALA C 172 0.46 -7.50 -27.72
CA ALA C 172 -0.46 -8.49 -28.27
C ALA C 172 -1.80 -7.86 -28.63
N GLU C 173 -2.34 -7.05 -27.72
CA GLU C 173 -3.58 -6.33 -28.00
C GLU C 173 -3.39 -5.23 -29.03
N ARG C 174 -2.15 -4.82 -29.27
CA ARG C 174 -1.87 -3.74 -30.22
C ARG C 174 -1.60 -4.27 -31.63
N ASN C 175 -0.95 -5.43 -31.75
CA ASN C 175 -0.59 -6.00 -33.06
C ASN C 175 -1.79 -6.67 -33.71
N LYS C 176 -2.83 -5.85 -33.94
CA LYS C 176 -4.04 -6.30 -34.60
C LYS C 176 -4.72 -5.08 -35.23
N MET C 177 -5.80 -5.33 -35.96
CA MET C 177 -6.52 -4.26 -36.64
C MET C 177 -7.21 -3.33 -35.66
N ASN C 183 -9.03 -0.66 -28.64
CA ASN C 183 -8.33 0.60 -28.88
C ASN C 183 -8.29 1.42 -27.60
N GLU C 184 -9.44 1.52 -26.91
CA GLU C 184 -9.45 2.13 -25.58
C GLU C 184 -8.86 1.21 -24.54
N ARG C 185 -8.79 -0.09 -24.81
CA ARG C 185 -8.14 -1.01 -23.90
C ARG C 185 -6.62 -0.88 -23.97
N LEU C 186 -6.08 -0.61 -25.17
CA LEU C 186 -4.67 -0.25 -25.29
C LEU C 186 -4.38 1.01 -24.47
N GLU C 187 -5.25 2.01 -24.58
CA GLU C 187 -5.11 3.20 -23.75
C GLU C 187 -5.26 2.87 -22.28
N LEU C 188 -6.09 1.89 -21.94
CA LEU C 188 -6.15 1.40 -20.57
C LEU C 188 -4.83 0.73 -20.19
N LEU C 189 -4.35 -0.19 -21.04
CA LEU C 189 -3.13 -0.90 -20.73
C LEU C 189 -1.92 0.02 -20.76
N LEU C 190 -1.90 0.99 -21.69
CA LEU C 190 -0.83 1.97 -21.72
C LEU C 190 -0.83 2.84 -20.46
N GLN C 191 -1.99 3.01 -19.83
CA GLN C 191 -2.07 3.74 -18.57
C GLN C 191 -1.35 3.00 -17.45
N LYS C 192 -1.57 1.69 -17.35
CA LYS C 192 -0.94 0.93 -16.27
C LYS C 192 0.56 0.80 -16.48
N ARG C 193 1.02 0.77 -17.73
CA ARG C 193 2.45 0.78 -17.97
C ARG C 193 3.09 2.09 -17.53
N LYS C 194 2.31 3.19 -17.57
CA LYS C 194 2.81 4.46 -17.06
C LYS C 194 2.90 4.43 -15.54
N GLU C 195 1.94 3.79 -14.87
CA GLU C 195 1.99 3.68 -13.42
C GLU C 195 3.18 2.83 -12.99
N LEU C 196 3.38 1.68 -13.64
CA LEU C 196 4.51 0.82 -13.30
C LEU C 196 5.84 1.50 -13.58
N GLN C 197 5.91 2.27 -14.67
CA GLN C 197 7.15 2.98 -14.99
C GLN C 197 7.45 4.07 -13.97
N GLU C 198 6.41 4.70 -13.41
CA GLU C 198 6.64 5.68 -12.35
C GLU C 198 7.19 5.01 -11.10
N ASN C 199 6.68 3.83 -10.76
CA ASN C 199 7.22 3.10 -9.62
C ASN C 199 8.68 2.72 -9.86
N GLN C 200 9.02 2.33 -11.09
CA GLN C 200 10.41 2.00 -11.41
C GLN C 200 11.31 3.20 -11.26
N ASP C 201 10.85 4.38 -11.71
CA ASP C 201 11.65 5.59 -11.58
C ASP C 201 11.93 5.90 -10.11
N GLU C 202 10.92 5.79 -9.25
CA GLU C 202 11.10 6.07 -7.84
C GLU C 202 12.04 5.05 -7.18
N ILE C 203 11.89 3.77 -7.54
CA ILE C 203 12.74 2.74 -6.95
C ILE C 203 14.18 2.91 -7.38
N GLU C 204 14.40 3.18 -8.68
CA GLU C 204 15.76 3.41 -9.15
C GLU C 204 16.39 4.62 -8.50
N ASN C 205 15.58 5.63 -8.17
CA ASN C 205 16.12 6.83 -7.53
C ASN C 205 16.52 6.55 -6.07
N MET C 206 15.83 5.62 -5.41
CA MET C 206 16.23 5.24 -4.06
C MET C 206 17.49 4.38 -4.08
N MET C 207 17.54 3.41 -5.00
CA MET C 207 18.73 2.56 -5.11
C MET C 207 19.95 3.38 -5.49
N ASN C 208 19.78 4.38 -6.37
CA ASN C 208 20.91 5.22 -6.73
C ASN C 208 21.34 6.11 -5.58
N SER C 209 20.42 6.47 -4.70
CA SER C 209 20.79 7.25 -3.51
C SER C 209 21.64 6.44 -2.57
N ILE C 210 21.28 5.16 -2.34
CA ILE C 210 22.05 4.31 -1.46
C ILE C 210 23.40 3.98 -2.07
N PHE C 211 23.43 3.74 -3.39
CA PHE C 211 24.68 3.35 -4.03
C PHE C 211 25.64 4.52 -4.13
N LYS C 212 25.16 5.67 -4.61
CA LYS C 212 26.03 6.83 -4.79
C LYS C 212 26.40 7.48 -3.47
N GLY C 213 25.55 7.34 -2.45
CA GLY C 213 25.78 8.03 -1.20
C GLY C 213 26.41 7.20 -0.11
N ILE C 214 26.37 5.88 -0.26
CA ILE C 214 26.87 5.01 0.81
C ILE C 214 27.86 3.97 0.27
N PHE C 215 27.45 3.22 -0.76
CA PHE C 215 28.27 2.09 -1.19
C PHE C 215 29.61 2.53 -1.73
N VAL C 216 29.61 3.49 -2.66
CA VAL C 216 30.84 3.92 -3.31
C VAL C 216 31.84 4.54 -2.34
N HIS C 217 31.41 4.85 -1.12
CA HIS C 217 32.31 5.31 -0.06
C HIS C 217 32.66 4.21 0.93
N ARG C 218 31.68 3.39 1.32
CA ARG C 218 31.89 2.37 2.34
C ARG C 218 32.55 1.12 1.78
N TYR C 219 32.55 0.93 0.46
CA TYR C 219 33.25 -0.23 -0.11
C TYR C 219 34.76 -0.05 -0.06
N ARG C 220 35.25 1.17 0.15
CA ARG C 220 36.65 1.43 0.41
C ARG C 220 36.82 2.05 1.79
N ASP C 221 36.03 1.55 2.74
CA ASP C 221 36.11 2.01 4.12
C ASP C 221 37.45 1.62 4.74
N ALA C 222 37.86 2.38 5.76
CA ALA C 222 39.11 2.07 6.45
C ALA C 222 39.04 0.74 7.18
N ILE C 223 37.85 0.35 7.64
CA ILE C 223 37.67 -0.89 8.39
C ILE C 223 37.41 -2.03 7.40
N ALA C 224 38.03 -3.18 7.66
CA ALA C 224 37.95 -4.30 6.73
C ALA C 224 36.56 -4.93 6.73
N GLU C 225 35.93 -5.03 7.91
CA GLU C 225 34.59 -5.63 7.98
C GLU C 225 33.59 -4.84 7.16
N ILE C 226 33.69 -3.51 7.16
CA ILE C 226 32.74 -2.69 6.43
C ILE C 226 32.91 -2.86 4.92
N ARG C 227 34.15 -2.94 4.45
CA ARG C 227 34.36 -3.19 3.03
C ARG C 227 33.80 -4.55 2.61
N ALA C 228 33.95 -5.55 3.48
CA ALA C 228 33.42 -6.87 3.18
C ALA C 228 31.90 -6.89 3.20
N ILE C 229 31.27 -6.05 4.05
CA ILE C 229 29.82 -5.94 4.05
C ILE C 229 29.33 -5.44 2.69
N CYS C 230 30.03 -4.46 2.11
CA CYS C 230 29.59 -3.90 0.84
C CYS C 230 29.88 -4.85 -0.31
N ILE C 231 31.06 -5.48 -0.32
CA ILE C 231 31.42 -6.37 -1.43
C ILE C 231 30.48 -7.57 -1.49
N GLU C 232 30.10 -8.11 -0.33
CA GLU C 232 29.21 -9.26 -0.33
C GLU C 232 27.83 -8.90 -0.87
N GLU C 233 27.33 -7.72 -0.52
CA GLU C 233 25.96 -7.36 -0.90
C GLU C 233 25.86 -6.97 -2.37
N ILE C 234 26.89 -6.34 -2.93
CA ILE C 234 26.84 -6.03 -4.35
C ILE C 234 26.91 -7.30 -5.18
N GLY C 235 27.54 -8.36 -4.65
CA GLY C 235 27.44 -9.66 -5.27
C GLY C 235 26.02 -10.20 -5.26
N VAL C 236 25.24 -9.83 -4.24
CA VAL C 236 23.85 -10.28 -4.17
C VAL C 236 23.01 -9.56 -5.22
N TRP C 237 23.19 -8.24 -5.35
CA TRP C 237 22.41 -7.47 -6.31
C TRP C 237 22.69 -7.93 -7.74
N MET C 238 23.94 -8.22 -8.06
CA MET C 238 24.29 -8.62 -9.42
C MET C 238 23.73 -10.00 -9.76
N LYS C 239 23.60 -10.89 -8.77
CA LYS C 239 23.03 -12.20 -9.02
C LYS C 239 21.50 -12.17 -8.98
N MET C 240 20.93 -11.36 -8.08
CA MET C 240 19.48 -11.31 -7.93
C MET C 240 18.82 -10.59 -9.10
N TYR C 241 19.40 -9.46 -9.54
CA TYR C 241 18.83 -8.63 -10.60
C TYR C 241 19.93 -8.40 -11.65
N SER C 242 20.25 -9.46 -12.40
CA SER C 242 21.40 -9.42 -13.29
C SER C 242 21.18 -8.49 -14.48
N ASP C 243 19.94 -8.36 -14.94
CA ASP C 243 19.67 -7.51 -16.11
C ASP C 243 19.97 -6.04 -15.81
N ALA C 244 19.90 -5.64 -14.55
CA ALA C 244 20.17 -4.25 -14.17
C ALA C 244 21.51 -4.06 -13.49
N PHE C 245 22.03 -5.08 -12.80
CA PHE C 245 23.24 -4.93 -12.00
C PHE C 245 24.43 -5.75 -12.45
N LEU C 246 24.23 -6.82 -13.23
CA LEU C 246 25.35 -7.60 -13.74
C LEU C 246 25.86 -6.91 -15.02
N ASN C 247 26.70 -5.91 -14.83
CA ASN C 247 27.37 -5.22 -15.92
C ASN C 247 28.68 -4.66 -15.41
N ASP C 248 29.50 -4.14 -16.33
CA ASP C 248 30.86 -3.77 -16.01
C ASP C 248 30.96 -2.58 -15.06
N SER C 249 29.92 -1.75 -14.96
CA SER C 249 29.99 -0.61 -14.05
C SER C 249 29.83 -1.04 -12.59
N TYR C 250 29.15 -2.15 -12.34
CA TYR C 250 29.08 -2.69 -10.98
C TYR C 250 30.18 -3.71 -10.71
N LEU C 251 30.54 -4.50 -11.72
CA LEU C 251 31.58 -5.50 -11.56
C LEU C 251 32.91 -4.88 -11.20
N LYS C 252 33.16 -3.64 -11.63
CA LYS C 252 34.47 -3.04 -11.42
C LYS C 252 34.80 -2.89 -9.94
N TYR C 253 33.79 -2.68 -9.09
CA TYR C 253 34.02 -2.53 -7.67
C TYR C 253 34.52 -3.83 -7.05
N VAL C 254 33.98 -4.96 -7.48
CA VAL C 254 34.47 -6.25 -6.98
C VAL C 254 35.85 -6.55 -7.53
N GLY C 255 36.08 -6.24 -8.82
CA GLY C 255 37.38 -6.52 -9.41
C GLY C 255 38.49 -5.71 -8.78
N TRP C 256 38.21 -4.43 -8.49
CA TRP C 256 39.23 -3.60 -7.84
C TRP C 256 39.52 -4.08 -6.43
N THR C 257 38.48 -4.55 -5.72
CA THR C 257 38.68 -5.02 -4.35
C THR C 257 39.38 -6.38 -4.29
N LEU C 258 39.60 -7.03 -5.44
CA LEU C 258 40.44 -8.22 -5.46
C LEU C 258 41.86 -7.90 -4.97
N HIS C 259 42.31 -6.67 -5.19
CA HIS C 259 43.63 -6.23 -4.77
C HIS C 259 43.66 -5.73 -3.33
N ASP C 260 42.63 -6.03 -2.54
CA ASP C 260 42.57 -5.53 -1.18
C ASP C 260 43.63 -6.20 -0.31
N ARG C 261 44.12 -5.46 0.68
CA ARG C 261 45.20 -5.94 1.52
C ARG C 261 44.75 -6.95 2.55
N GLN C 262 43.45 -7.04 2.83
CA GLN C 262 42.92 -7.93 3.86
C GLN C 262 42.29 -9.14 3.19
N GLY C 263 42.68 -10.33 3.67
CA GLY C 263 42.13 -11.56 3.11
C GLY C 263 40.65 -11.73 3.34
N GLU C 264 40.14 -11.16 4.44
CA GLU C 264 38.71 -11.20 4.71
C GLU C 264 37.92 -10.56 3.57
N VAL C 265 38.47 -9.52 2.96
CA VAL C 265 37.79 -8.81 1.88
C VAL C 265 38.04 -9.46 0.52
N ARG C 266 39.26 -9.97 0.29
CA ARG C 266 39.52 -10.69 -0.95
C ARG C 266 38.67 -11.95 -1.04
N LEU C 267 38.44 -12.61 0.10
CA LEU C 267 37.60 -13.81 0.11
C LEU C 267 36.17 -13.47 -0.26
N LYS C 268 35.67 -12.31 0.19
CA LYS C 268 34.31 -11.90 -0.14
C LYS C 268 34.16 -11.63 -1.63
N CYS C 269 35.20 -11.09 -2.28
CA CYS C 269 35.14 -10.87 -3.72
C CYS C 269 35.04 -12.18 -4.48
N LEU C 270 35.88 -13.16 -4.11
CA LEU C 270 35.86 -14.45 -4.79
C LEU C 270 34.51 -15.15 -4.62
N LYS C 271 33.94 -15.08 -3.41
CA LYS C 271 32.65 -15.72 -3.17
C LYS C 271 31.54 -15.07 -4.00
N ALA C 272 31.60 -13.74 -4.15
CA ALA C 272 30.60 -13.06 -4.95
C ALA C 272 30.74 -13.41 -6.43
N LEU C 273 31.97 -13.53 -6.93
CA LEU C 273 32.18 -13.90 -8.31
C LEU C 273 31.80 -15.35 -8.57
N GLN C 274 31.98 -16.23 -7.57
CA GLN C 274 31.61 -17.63 -7.73
C GLN C 274 30.13 -17.78 -8.03
N SER C 275 29.28 -17.06 -7.27
CA SER C 275 27.84 -17.18 -7.45
C SER C 275 27.38 -16.65 -8.80
N LEU C 276 28.18 -15.81 -9.46
CA LEU C 276 27.83 -15.31 -10.78
C LEU C 276 28.27 -16.28 -11.87
N TYR C 277 29.51 -16.77 -11.79
CA TYR C 277 30.02 -17.71 -12.78
C TYR C 277 29.35 -19.07 -12.70
N THR C 278 28.75 -19.40 -11.56
CA THR C 278 28.02 -20.67 -11.45
C THR C 278 26.89 -20.75 -12.45
N ASN C 279 26.20 -19.63 -12.69
CA ASN C 279 25.18 -19.56 -13.72
C ASN C 279 25.88 -19.33 -15.06
N ARG C 280 26.07 -20.42 -15.81
CA ARG C 280 26.79 -20.35 -17.08
C ARG C 280 26.06 -19.51 -18.13
N GLU C 281 24.76 -19.26 -17.94
CA GLU C 281 24.06 -18.35 -18.84
C GLU C 281 24.57 -16.92 -18.70
N LEU C 282 25.01 -16.54 -17.50
CA LEU C 282 25.51 -15.19 -17.24
C LEU C 282 26.93 -14.97 -17.73
N PHE C 283 27.58 -16.00 -18.27
CA PHE C 283 28.99 -15.87 -18.65
C PHE C 283 29.24 -14.82 -19.73
N PRO C 284 28.40 -14.65 -20.76
CA PRO C 284 28.65 -13.57 -21.72
C PRO C 284 28.74 -12.18 -21.07
N LYS C 285 27.92 -11.91 -20.07
CA LYS C 285 27.98 -10.63 -19.37
C LYS C 285 29.25 -10.48 -18.54
N LEU C 286 30.04 -11.54 -18.37
CA LEU C 286 31.26 -11.51 -17.58
C LEU C 286 32.52 -11.61 -18.42
N GLU C 287 32.40 -11.62 -19.75
CA GLU C 287 33.56 -11.89 -20.60
C GLU C 287 34.60 -10.78 -20.48
N LEU C 288 34.18 -9.51 -20.61
CA LEU C 288 35.15 -8.43 -20.53
C LEU C 288 35.75 -8.32 -19.14
N PHE C 289 34.93 -8.56 -18.10
CA PHE C 289 35.46 -8.61 -16.74
C PHE C 289 36.46 -9.73 -16.58
N THR C 290 36.19 -10.88 -17.21
CA THR C 290 37.10 -12.02 -17.14
C THR C 290 38.46 -11.66 -17.75
N ASN C 291 38.44 -11.01 -18.91
CA ASN C 291 39.69 -10.63 -19.57
C ASN C 291 40.47 -9.61 -18.76
N ARG C 292 39.76 -8.69 -18.10
CA ARG C 292 40.43 -7.60 -17.40
C ARG C 292 41.12 -8.06 -16.13
N PHE C 293 40.54 -9.04 -15.43
CA PHE C 293 41.01 -9.41 -14.10
C PHE C 293 41.48 -10.87 -13.99
N LYS C 294 41.63 -11.59 -15.10
CA LYS C 294 42.03 -12.99 -14.98
C LYS C 294 43.48 -13.13 -14.52
N ASP C 295 44.35 -12.15 -14.84
CA ASP C 295 45.68 -12.16 -14.28
C ASP C 295 45.63 -12.09 -12.75
N ARG C 296 44.73 -11.28 -12.22
CA ARG C 296 44.57 -11.19 -10.78
C ARG C 296 43.99 -12.48 -10.21
N ILE C 297 42.95 -13.02 -10.84
CA ILE C 297 42.22 -14.15 -10.28
C ILE C 297 43.11 -15.39 -10.21
N VAL C 298 43.82 -15.68 -11.30
CA VAL C 298 44.64 -16.90 -11.32
C VAL C 298 45.82 -16.76 -10.37
N SER C 299 46.34 -15.55 -10.19
CA SER C 299 47.43 -15.35 -9.24
C SER C 299 46.97 -15.55 -7.80
N MET C 300 45.67 -15.40 -7.54
CA MET C 300 45.13 -15.62 -6.21
C MET C 300 44.94 -17.10 -5.89
N THR C 301 45.08 -17.99 -6.86
CA THR C 301 45.06 -19.42 -6.57
C THR C 301 46.24 -19.84 -5.71
N LEU C 302 47.28 -19.02 -5.63
CA LEU C 302 48.38 -19.18 -4.69
C LEU C 302 48.50 -17.96 -3.79
N ASP C 303 47.36 -17.48 -3.31
CA ASP C 303 47.34 -16.33 -2.42
C ASP C 303 48.06 -16.64 -1.12
N LYS C 304 48.57 -15.60 -0.48
CA LYS C 304 49.28 -15.78 0.79
C LYS C 304 48.36 -16.39 1.84
N GLU C 305 47.07 -16.10 1.78
CA GLU C 305 46.09 -16.70 2.68
C GLU C 305 45.59 -18.01 2.08
N TYR C 306 45.51 -19.05 2.91
CA TYR C 306 45.11 -20.35 2.40
C TYR C 306 43.62 -20.36 2.02
N ASP C 307 42.78 -19.81 2.90
CA ASP C 307 41.34 -19.81 2.62
C ASP C 307 41.00 -19.00 1.39
N VAL C 308 41.78 -17.95 1.10
CA VAL C 308 41.56 -17.17 -0.12
C VAL C 308 41.98 -17.96 -1.34
N ALA C 309 43.12 -18.67 -1.25
CA ALA C 309 43.61 -19.44 -2.39
C ALA C 309 42.68 -20.59 -2.73
N VAL C 310 42.09 -21.24 -1.71
CA VAL C 310 41.14 -22.32 -1.97
C VAL C 310 39.93 -21.81 -2.73
N GLU C 311 39.43 -20.62 -2.36
CA GLU C 311 38.27 -20.07 -3.05
C GLU C 311 38.61 -19.57 -4.45
N ALA C 312 39.85 -19.11 -4.65
CA ALA C 312 40.25 -18.70 -5.99
C ALA C 312 40.35 -19.91 -6.92
N ILE C 313 40.83 -21.04 -6.41
CA ILE C 313 40.90 -22.25 -7.22
C ILE C 313 39.50 -22.72 -7.60
N ARG C 314 38.54 -22.61 -6.67
CA ARG C 314 37.17 -22.98 -6.98
C ARG C 314 36.57 -22.03 -8.02
N LEU C 315 36.91 -20.75 -7.93
CA LEU C 315 36.39 -19.79 -8.89
C LEU C 315 36.96 -20.04 -10.28
N VAL C 316 38.27 -20.29 -10.38
CA VAL C 316 38.89 -20.55 -11.67
C VAL C 316 38.28 -21.79 -12.30
N THR C 317 37.96 -22.80 -11.48
CA THR C 317 37.28 -23.99 -11.99
C THR C 317 35.91 -23.63 -12.56
N LEU C 318 35.20 -22.71 -11.90
CA LEU C 318 33.91 -22.27 -12.41
C LEU C 318 34.09 -21.46 -13.70
N ILE C 319 35.10 -20.58 -13.73
CA ILE C 319 35.36 -19.79 -14.92
C ILE C 319 35.73 -20.69 -16.08
N LEU C 320 36.50 -21.76 -15.83
CA LEU C 320 36.90 -22.66 -16.89
C LEU C 320 35.69 -23.34 -17.52
N HIS C 321 34.76 -23.82 -16.69
CA HIS C 321 33.61 -24.56 -17.22
C HIS C 321 32.53 -23.63 -17.75
N GLY C 322 32.45 -22.41 -17.24
CA GLY C 322 31.60 -21.41 -17.88
C GLY C 322 32.13 -21.03 -19.26
N SER C 323 33.45 -20.93 -19.38
CA SER C 323 34.06 -20.65 -20.68
C SER C 323 33.99 -21.85 -21.60
N GLU C 324 34.09 -23.07 -21.05
CA GLU C 324 34.01 -24.26 -21.88
C GLU C 324 32.62 -24.43 -22.48
N GLU C 325 31.59 -23.90 -21.80
CA GLU C 325 30.23 -23.97 -22.35
C GLU C 325 29.97 -22.88 -23.37
N ALA C 326 30.66 -21.74 -23.26
CA ALA C 326 30.46 -20.66 -24.22
C ALA C 326 31.08 -20.99 -25.57
N LEU C 327 32.17 -21.74 -25.60
CA LEU C 327 32.83 -22.08 -26.85
C LEU C 327 31.97 -23.03 -27.68
N ARG D 2 36.95 8.41 26.82
CA ARG D 2 35.92 7.85 25.96
C ARG D 2 36.41 6.59 25.25
N LYS D 3 35.86 5.45 25.66
CA LYS D 3 36.21 4.17 25.06
C LYS D 3 35.45 3.90 23.76
N LEU D 4 34.52 4.78 23.38
CA LEU D 4 33.79 4.61 22.12
C LEU D 4 34.75 4.71 20.95
N ILE D 5 34.61 3.80 20.01
CA ILE D 5 35.53 3.72 18.87
C ILE D 5 35.18 4.80 17.86
N VAL D 6 36.13 5.69 17.59
CA VAL D 6 36.00 6.74 16.60
C VAL D 6 37.18 6.64 15.64
N ASP D 7 36.89 6.70 14.34
CA ASP D 7 37.91 6.61 13.30
C ASP D 7 38.17 8.00 12.72
N SER D 8 39.39 8.48 12.89
CA SER D 8 39.77 9.76 12.28
C SER D 8 39.75 9.67 10.77
N VAL D 9 40.06 8.50 10.22
CA VAL D 9 40.05 8.26 8.78
C VAL D 9 38.93 7.27 8.48
N LYS D 10 37.98 7.68 7.65
CA LYS D 10 36.83 6.84 7.33
C LYS D 10 37.06 5.96 6.10
N GLU D 11 37.87 6.41 5.15
CA GLU D 11 38.10 5.68 3.91
C GLU D 11 39.59 5.44 3.71
N LEU D 12 39.90 4.47 2.86
CA LEU D 12 41.27 4.26 2.41
C LEU D 12 41.68 5.40 1.49
N ASP D 13 42.88 5.93 1.70
CA ASP D 13 43.35 7.02 0.86
C ASP D 13 43.58 6.53 -0.56
N SER D 14 43.60 7.49 -1.51
CA SER D 14 43.72 7.13 -2.91
C SER D 14 45.08 6.53 -3.23
N LYS D 15 46.14 6.94 -2.52
CA LYS D 15 47.46 6.39 -2.78
C LYS D 15 47.56 4.92 -2.38
N THR D 16 46.85 4.52 -1.33
CA THR D 16 46.71 3.10 -1.05
C THR D 16 45.91 2.41 -2.16
N ILE D 17 44.89 3.09 -2.68
CA ILE D 17 44.11 2.57 -3.79
C ILE D 17 44.90 2.64 -5.09
N ARG D 18 45.72 3.68 -5.29
CA ARG D 18 46.53 3.77 -6.50
C ARG D 18 47.58 2.66 -6.55
N ALA D 19 48.06 2.21 -5.40
CA ALA D 19 49.05 1.13 -5.38
C ALA D 19 48.40 -0.24 -5.54
N GLN D 20 47.19 -0.42 -5.00
CA GLN D 20 46.48 -1.68 -5.20
C GLN D 20 45.99 -1.83 -6.63
N LEU D 21 45.59 -0.73 -7.25
CA LEU D 21 44.98 -0.73 -8.57
C LEU D 21 45.87 -0.10 -9.63
N SER D 22 47.18 -0.37 -9.55
CA SER D 22 48.10 0.18 -10.53
C SER D 22 47.95 -0.42 -11.91
N ASP D 23 47.17 -1.50 -12.05
CA ASP D 23 46.96 -2.14 -13.34
C ASP D 23 46.25 -1.20 -14.31
#